data_2OFJ
#
_entry.id   2OFJ
#
_cell.length_a   69.475
_cell.length_b   77.388
_cell.length_c   110.677
_cell.angle_alpha   90.000
_cell.angle_beta   90.080
_cell.angle_gamma   90.000
#
_symmetry.space_group_name_H-M   'P 1 21 1'
#
loop_
_entity.id
_entity.type
_entity.pdbx_description
1 polymer 'O-succinylbenzoate synthase'
2 water water
#
_entity_poly.entity_id   1
_entity_poly.type   'polypeptide(L)'
_entity_poly.pdbx_seq_one_letter_code
;GSAMRSAQVYRWQIPMDAGVVLRDRRLKTRDGLYVCLREGEREGWGEISPLPGFSQETWEEAQSVLLAWVNNWLAGDCEL
PQMPSVAFGVSCALAELTDTLPQAANYRAAPLCNGDPDDLILKLADMPGEKVAKVKVGLYEAVRDGMVVNLLLEAIPDLH
LRLDANRAWTPLKGQQFAKYVNPDYRDRIAFLAEPCKTRDDSRAFARETGIAIAWDESLREPDFAFVAEEGVRAVVIKPT
LTGSLEKVREQVQAAHALGLTAVISSSIESSLGLTQLARIAAWLTPDTIPGLDTLDLMQAQQVRRWPGSTLPVVEVDALE
RLL
;
_entity_poly.pdbx_strand_id   A,B,C,D
#
# COMPACT_ATOMS: atom_id res chain seq x y z
N MET A 4 31.58 -24.21 17.48
CA MET A 4 30.26 -24.00 18.16
C MET A 4 29.58 -22.71 17.64
N ARG A 5 28.39 -22.90 17.08
CA ARG A 5 27.67 -21.86 16.37
C ARG A 5 26.65 -21.15 17.24
N SER A 6 26.48 -19.87 16.99
CA SER A 6 25.44 -19.12 17.61
C SER A 6 25.12 -17.97 16.66
N ALA A 7 24.01 -17.29 16.94
CA ALA A 7 23.49 -16.30 16.02
C ALA A 7 22.56 -15.32 16.73
N GLN A 8 22.49 -14.11 16.21
CA GLN A 8 21.63 -13.07 16.76
C GLN A 8 20.97 -12.34 15.60
N VAL A 9 19.73 -11.91 15.78
CA VAL A 9 19.02 -11.15 14.76
C VAL A 9 18.44 -9.93 15.43
N TYR A 10 18.56 -8.79 14.76
CA TYR A 10 18.07 -7.53 15.30
C TYR A 10 17.08 -6.94 14.31
N ARG A 11 16.07 -6.27 14.85
CA ARG A 11 15.08 -5.62 14.05
C ARG A 11 15.22 -4.15 14.34
N TRP A 12 15.10 -3.31 13.32
CA TRP A 12 15.18 -1.87 13.54
C TRP A 12 14.44 -1.07 12.52
N GLN A 13 14.32 0.21 12.84
CA GLN A 13 13.76 1.21 11.96
C GLN A 13 14.56 2.47 12.25
N ILE A 14 15.14 3.04 11.21
CA ILE A 14 15.90 4.29 11.30
C ILE A 14 15.06 5.41 10.68
N PRO A 15 14.84 6.53 11.40
CA PRO A 15 14.14 7.67 10.79
C PRO A 15 14.85 8.30 9.58
N MET A 16 14.09 8.66 8.57
CA MET A 16 14.66 9.28 7.38
C MET A 16 14.53 10.77 7.50
N ASP A 17 15.42 11.49 6.81
CA ASP A 17 15.33 12.96 6.70
C ASP A 17 13.91 13.39 6.36
N ARG A 25 3.54 10.72 1.23
CA ARG A 25 4.67 11.23 2.03
C ARG A 25 5.82 10.22 2.08
N ARG A 26 6.04 9.57 0.92
N ARG A 26 6.00 9.56 0.93
CA ARG A 26 6.83 8.34 0.79
CA ARG A 26 6.89 8.40 0.75
C ARG A 26 7.51 7.76 2.05
C ARG A 26 7.51 7.77 2.02
N LEU A 27 8.81 7.96 2.23
CA LEU A 27 9.64 7.09 3.10
C LEU A 27 10.12 7.78 4.37
N LYS A 28 9.41 7.58 5.48
CA LYS A 28 9.75 8.26 6.73
C LYS A 28 10.61 7.41 7.69
N THR A 29 10.62 6.09 7.52
CA THR A 29 11.57 5.24 8.20
C THR A 29 12.16 4.26 7.21
N ARG A 30 13.35 3.77 7.52
CA ARG A 30 13.91 2.64 6.84
C ARG A 30 13.91 1.52 7.85
N ASP A 31 13.23 0.43 7.50
CA ASP A 31 13.06 -0.70 8.39
C ASP A 31 13.90 -1.84 7.85
N GLY A 32 14.51 -2.60 8.75
CA GLY A 32 15.36 -3.69 8.32
C GLY A 32 15.84 -4.56 9.45
N LEU A 33 16.86 -5.34 9.14
CA LEU A 33 17.35 -6.38 10.05
C LEU A 33 18.87 -6.56 9.88
N TYR A 34 19.52 -7.05 10.95
CA TYR A 34 20.93 -7.48 10.93
C TYR A 34 21.00 -8.94 11.36
N VAL A 35 21.90 -9.69 10.76
CA VAL A 35 22.24 -11.02 11.30
C VAL A 35 23.64 -10.93 11.87
N CYS A 36 23.88 -11.54 13.01
CA CYS A 36 25.23 -11.72 13.52
C CYS A 36 25.47 -13.20 13.64
N LEU A 37 26.33 -13.73 12.81
CA LEU A 37 26.69 -15.12 12.94
C LEU A 37 27.92 -15.13 13.83
N ARG A 38 28.07 -16.22 14.56
N ARG A 38 28.13 -16.26 14.48
CA ARG A 38 29.21 -16.42 15.43
CA ARG A 38 29.22 -16.41 15.43
C ARG A 38 29.60 -17.88 15.36
C ARG A 38 29.64 -17.86 15.46
N GLU A 39 30.83 -18.15 14.95
CA GLU A 39 31.40 -19.48 15.01
C GLU A 39 32.72 -19.34 15.74
N GLY A 40 33.00 -20.30 16.63
CA GLY A 40 34.05 -20.15 17.62
C GLY A 40 34.11 -18.71 18.11
N GLU A 41 35.29 -18.11 17.93
CA GLU A 41 35.60 -16.72 18.31
C GLU A 41 35.30 -15.71 17.18
N ARG A 42 35.26 -16.21 15.94
CA ARG A 42 34.94 -15.36 14.82
C ARG A 42 33.48 -14.89 14.83
N GLU A 43 33.22 -13.85 14.03
CA GLU A 43 31.97 -13.12 14.08
C GLU A 43 31.71 -12.52 12.72
N GLY A 44 30.47 -12.61 12.25
CA GLY A 44 30.07 -12.08 10.96
C GLY A 44 28.77 -11.31 11.05
N TRP A 45 28.71 -10.13 10.43
CA TRP A 45 27.46 -9.37 10.34
C TRP A 45 26.99 -9.21 8.90
N GLY A 46 25.70 -8.93 8.76
CA GLY A 46 25.06 -8.78 7.47
C GLY A 46 23.78 -8.02 7.67
N GLU A 47 23.36 -7.26 6.67
CA GLU A 47 22.13 -6.50 6.73
C GLU A 47 21.08 -7.05 5.75
N ILE A 48 19.85 -7.19 6.23
CA ILE A 48 18.73 -7.70 5.41
C ILE A 48 17.64 -6.61 5.46
N SER A 49 17.61 -5.77 4.42
CA SER A 49 16.72 -4.59 4.38
C SER A 49 16.08 -4.43 3.01
N PRO A 50 14.97 -5.16 2.77
CA PRO A 50 14.35 -5.07 1.45
C PRO A 50 13.73 -3.71 1.28
N LEU A 51 13.69 -3.23 0.05
CA LEU A 51 13.36 -1.85 -0.23
C LEU A 51 11.94 -1.77 -0.78
N PRO A 52 11.03 -1.14 -0.03
CA PRO A 52 9.64 -0.99 -0.51
C PRO A 52 9.55 -0.32 -1.88
N GLY A 53 8.82 -0.97 -2.80
CA GLY A 53 8.66 -0.51 -4.19
C GLY A 53 9.68 -1.11 -5.16
N PHE A 54 10.66 -1.81 -4.60
CA PHE A 54 11.83 -2.28 -5.36
C PHE A 54 12.11 -3.76 -5.10
N SER A 55 12.09 -4.13 -3.83
CA SER A 55 12.23 -5.54 -3.46
C SER A 55 10.90 -6.24 -3.67
N GLN A 56 10.95 -7.46 -4.20
CA GLN A 56 9.76 -8.33 -4.25
C GLN A 56 9.25 -8.67 -2.85
N GLU A 57 10.11 -9.30 -2.05
CA GLU A 57 9.78 -9.72 -0.68
C GLU A 57 9.60 -8.53 0.27
N THR A 58 8.87 -8.76 1.37
CA THR A 58 8.58 -7.71 2.34
C THR A 58 9.54 -7.81 3.53
N TRP A 59 9.55 -6.78 4.36
CA TRP A 59 10.36 -6.78 5.59
C TRP A 59 10.09 -8.03 6.44
N GLU A 60 8.81 -8.29 6.66
CA GLU A 60 8.33 -9.36 7.54
C GLU A 60 8.53 -10.75 6.91
N GLU A 61 8.33 -10.85 5.61
CA GLU A 61 8.77 -12.05 4.90
C GLU A 61 10.28 -12.24 5.06
N ALA A 62 11.04 -11.15 4.96
CA ALA A 62 12.50 -11.21 5.08
C ALA A 62 12.93 -11.80 6.43
N GLN A 63 12.29 -11.29 7.48
CA GLN A 63 12.46 -11.74 8.85
C GLN A 63 12.24 -13.26 8.99
N SER A 64 11.08 -13.72 8.55
CA SER A 64 10.71 -15.14 8.58
C SER A 64 11.75 -16.04 7.95
N VAL A 65 12.16 -15.68 6.75
CA VAL A 65 13.11 -16.46 5.98
C VAL A 65 14.49 -16.37 6.61
N LEU A 66 14.80 -15.22 7.21
CA LEU A 66 16.12 -15.00 7.81
C LEU A 66 16.25 -15.85 9.08
N LEU A 67 15.26 -15.74 9.95
CA LEU A 67 15.19 -16.58 11.18
C LEU A 67 15.24 -18.07 10.88
N ALA A 68 14.52 -18.48 9.85
CA ALA A 68 14.46 -19.90 9.47
C ALA A 68 15.80 -20.35 8.89
N TRP A 69 16.41 -19.49 8.07
CA TRP A 69 17.70 -19.85 7.48
C TRP A 69 18.77 -19.99 8.56
N VAL A 70 18.75 -19.07 9.52
CA VAL A 70 19.69 -19.11 10.64
C VAL A 70 19.62 -20.41 11.43
N ASN A 71 18.41 -20.84 11.78
CA ASN A 71 18.21 -22.13 12.42
C ASN A 71 18.79 -23.29 11.60
N ASN A 72 18.61 -23.25 10.28
CA ASN A 72 19.31 -24.19 9.37
C ASN A 72 20.83 -24.07 9.54
N TRP A 73 21.34 -22.85 9.51
CA TRP A 73 22.77 -22.61 9.61
C TRP A 73 23.37 -23.24 10.88
N LEU A 74 22.68 -23.09 12.01
CA LEU A 74 23.11 -23.71 13.27
C LEU A 74 23.20 -25.25 13.20
N ALA A 75 22.37 -25.84 12.35
CA ALA A 75 22.34 -27.29 12.17
C ALA A 75 23.35 -27.75 11.11
N GLY A 76 24.10 -26.82 10.55
CA GLY A 76 25.23 -27.15 9.68
C GLY A 76 24.97 -27.18 8.18
N ASP A 77 23.70 -27.09 7.79
CA ASP A 77 23.35 -27.09 6.36
C ASP A 77 23.57 -25.71 5.77
N CYS A 78 23.86 -25.66 4.49
CA CYS A 78 24.41 -24.44 3.95
C CYS A 78 23.87 -23.96 2.61
N GLU A 79 22.66 -24.38 2.27
CA GLU A 79 21.94 -23.70 1.21
C GLU A 79 21.72 -22.27 1.68
N LEU A 80 21.88 -21.32 0.78
CA LEU A 80 21.45 -19.97 1.04
C LEU A 80 20.09 -19.75 0.43
N PRO A 81 19.29 -18.87 1.04
CA PRO A 81 18.03 -18.56 0.41
C PRO A 81 18.24 -17.77 -0.88
N GLN A 82 17.33 -17.94 -1.82
N GLN A 82 17.34 -18.00 -1.85
CA GLN A 82 17.44 -17.27 -3.09
CA GLN A 82 17.34 -17.29 -3.13
C GLN A 82 16.77 -15.91 -3.02
C GLN A 82 16.87 -15.86 -2.95
N MET A 83 16.05 -15.64 -1.93
CA MET A 83 15.47 -14.34 -1.64
C MET A 83 16.59 -13.33 -1.51
N PRO A 84 16.63 -12.34 -2.43
CA PRO A 84 17.69 -11.35 -2.60
C PRO A 84 18.24 -10.69 -1.37
N SER A 85 17.37 -10.11 -0.54
CA SER A 85 17.83 -9.33 0.58
C SER A 85 18.53 -10.23 1.59
N VAL A 86 17.95 -11.42 1.81
CA VAL A 86 18.43 -12.38 2.77
C VAL A 86 19.69 -13.04 2.25
N ALA A 87 19.69 -13.46 0.99
CA ALA A 87 20.91 -14.06 0.42
C ALA A 87 22.08 -13.08 0.55
N PHE A 88 21.76 -11.80 0.37
CA PHE A 88 22.79 -10.81 0.43
C PHE A 88 23.41 -10.69 1.80
N GLY A 89 22.60 -10.34 2.80
CA GLY A 89 23.09 -10.09 4.15
C GLY A 89 23.68 -11.34 4.77
N VAL A 90 22.94 -12.42 4.69
CA VAL A 90 23.46 -13.70 5.14
C VAL A 90 24.83 -14.01 4.55
N SER A 91 25.05 -13.67 3.28
CA SER A 91 26.36 -13.96 2.64
C SER A 91 27.47 -12.98 3.06
N CYS A 92 27.11 -11.78 3.46
CA CYS A 92 28.08 -10.84 4.03
C CYS A 92 28.56 -11.33 5.37
N ALA A 93 27.63 -11.77 6.19
CA ALA A 93 27.96 -12.34 7.49
C ALA A 93 28.88 -13.54 7.31
N LEU A 94 28.51 -14.44 6.40
CA LEU A 94 29.33 -15.61 6.08
C LEU A 94 30.74 -15.25 5.61
N ALA A 95 30.87 -14.21 4.80
CA ALA A 95 32.20 -13.77 4.32
C ALA A 95 33.04 -13.16 5.44
N GLU A 96 32.42 -12.39 6.33
CA GLU A 96 33.11 -11.83 7.50
C GLU A 96 33.56 -12.90 8.49
N LEU A 97 32.76 -13.95 8.66
CA LEU A 97 33.18 -15.11 9.46
C LEU A 97 34.52 -15.67 9.03
N THR A 98 34.72 -15.77 7.71
CA THR A 98 35.93 -16.38 7.13
C THR A 98 37.01 -15.36 6.79
N ASP A 99 36.78 -14.10 7.18
CA ASP A 99 37.79 -13.06 7.02
C ASP A 99 38.14 -12.76 5.55
N THR A 100 37.20 -13.03 4.65
CA THR A 100 37.42 -12.98 3.18
C THR A 100 37.09 -11.61 2.55
N LEU A 101 36.07 -10.96 3.08
CA LEU A 101 35.71 -9.60 2.71
C LEU A 101 36.75 -8.69 3.35
N PRO A 102 37.66 -8.11 2.54
CA PRO A 102 38.76 -7.35 3.15
C PRO A 102 38.21 -6.11 3.82
N GLN A 103 38.96 -5.56 4.76
CA GLN A 103 38.51 -4.37 5.48
C GLN A 103 38.61 -3.11 4.61
N ALA A 104 39.52 -3.11 3.65
CA ALA A 104 39.66 -1.99 2.70
C ALA A 104 38.32 -1.64 2.06
N ALA A 105 38.10 -0.37 1.79
CA ALA A 105 36.81 0.10 1.33
C ALA A 105 36.93 1.37 0.51
N ASN A 106 36.02 1.55 -0.44
CA ASN A 106 35.95 2.78 -1.26
C ASN A 106 34.89 3.75 -0.75
N TYR A 107 35.34 4.75 0.00
CA TYR A 107 34.43 5.73 0.56
C TYR A 107 34.33 6.99 -0.31
N ARG A 108 34.97 6.99 -1.49
CA ARG A 108 34.84 8.12 -2.43
C ARG A 108 33.44 8.20 -2.96
N ALA A 109 32.96 9.44 -3.10
CA ALA A 109 31.57 9.72 -3.41
C ALA A 109 31.40 10.24 -4.83
N ALA A 110 30.40 9.73 -5.53
CA ALA A 110 29.79 10.46 -6.65
C ALA A 110 28.56 11.11 -6.07
N PRO A 111 28.69 12.37 -5.62
CA PRO A 111 27.61 13.04 -4.92
C PRO A 111 26.34 13.15 -5.75
N LEU A 112 25.21 12.92 -5.10
CA LEU A 112 23.93 13.19 -5.70
C LEU A 112 23.63 14.67 -5.62
N CYS A 113 22.68 15.09 -6.43
CA CYS A 113 21.53 15.84 -5.87
C CYS A 113 20.63 16.35 -6.99
N ASN A 114 20.50 17.67 -7.02
CA ASN A 114 20.17 18.42 -8.15
C ASN A 114 19.36 19.61 -7.95
N PRO A 128 38.97 15.69 -5.72
CA PRO A 128 40.36 15.26 -5.49
C PRO A 128 40.97 14.55 -6.70
N GLY A 129 40.26 13.55 -7.22
CA GLY A 129 40.74 12.79 -8.38
C GLY A 129 39.85 13.06 -9.59
N GLU A 130 39.44 11.98 -10.25
CA GLU A 130 38.44 12.08 -11.30
C GLU A 130 37.19 12.68 -10.65
N LYS A 131 36.69 13.78 -11.22
CA LYS A 131 35.47 14.39 -10.71
C LYS A 131 34.27 13.64 -11.29
N VAL A 132 33.43 13.12 -10.40
CA VAL A 132 32.28 12.32 -10.78
C VAL A 132 31.11 12.70 -9.87
N ALA A 133 29.94 12.88 -10.48
CA ALA A 133 28.73 13.25 -9.77
C ALA A 133 27.59 12.38 -10.25
N LYS A 134 26.48 12.41 -9.51
CA LYS A 134 25.30 11.61 -9.86
C LYS A 134 24.07 12.48 -9.90
N VAL A 135 23.26 12.30 -10.94
CA VAL A 135 21.99 13.01 -11.07
C VAL A 135 20.86 12.01 -11.30
N LYS A 136 19.80 12.15 -10.51
CA LYS A 136 18.58 11.40 -10.73
C LYS A 136 17.73 12.13 -11.76
N VAL A 137 17.48 11.47 -12.90
CA VAL A 137 16.67 12.03 -13.97
C VAL A 137 15.35 11.26 -14.15
N GLY A 138 14.46 11.81 -14.95
CA GLY A 138 13.24 11.11 -15.35
C GLY A 138 12.07 11.26 -14.38
N LEU A 139 12.19 12.20 -13.45
CA LEU A 139 11.27 12.28 -12.32
C LEU A 139 10.08 13.12 -12.70
N TYR A 140 10.37 14.25 -13.34
CA TYR A 140 9.39 14.95 -14.17
C TYR A 140 9.99 15.24 -15.55
N GLU A 141 9.79 16.46 -16.02
CA GLU A 141 9.98 16.78 -17.42
C GLU A 141 11.40 16.48 -17.86
N ALA A 142 11.51 15.81 -19.02
CA ALA A 142 12.81 15.44 -19.58
C ALA A 142 13.66 16.68 -19.72
N VAL A 143 12.99 17.77 -20.09
CA VAL A 143 13.61 19.08 -20.27
C VAL A 143 14.42 19.53 -19.07
N ARG A 144 13.83 19.43 -17.88
CA ARG A 144 14.47 19.86 -16.63
C ARG A 144 15.77 19.11 -16.37
N ASP A 145 15.75 17.82 -16.67
CA ASP A 145 16.90 16.99 -16.40
C ASP A 145 18.07 17.34 -17.32
N GLY A 146 17.81 17.40 -18.63
CA GLY A 146 18.87 17.68 -19.62
C GLY A 146 19.49 19.05 -19.44
N MET A 147 18.67 19.98 -19.00
CA MET A 147 19.09 21.34 -18.73
C MET A 147 20.07 21.37 -17.55
N VAL A 148 19.69 20.74 -16.45
CA VAL A 148 20.55 20.62 -15.27
C VAL A 148 21.82 19.86 -15.62
N VAL A 149 21.69 18.81 -16.40
CA VAL A 149 22.84 18.02 -16.86
C VAL A 149 23.82 18.88 -17.66
N ASN A 150 23.30 19.59 -18.65
CA ASN A 150 24.15 20.45 -19.46
C ASN A 150 24.86 21.48 -18.59
N LEU A 151 24.08 22.16 -17.75
CA LEU A 151 24.59 23.20 -16.85
C LEU A 151 25.81 22.72 -16.07
N LEU A 152 25.68 21.53 -15.49
CA LEU A 152 26.72 20.96 -14.63
C LEU A 152 28.01 20.66 -15.39
N LEU A 153 27.84 20.08 -16.58
CA LEU A 153 28.95 19.65 -17.40
C LEU A 153 29.66 20.87 -18.03
N GLU A 154 28.90 21.93 -18.26
CA GLU A 154 29.42 23.17 -18.80
C GLU A 154 30.30 23.86 -17.73
N ALA A 155 29.79 23.94 -16.50
CA ALA A 155 30.50 24.58 -15.38
C ALA A 155 31.75 23.86 -14.91
N ILE A 156 31.79 22.53 -15.03
CA ILE A 156 32.95 21.75 -14.60
C ILE A 156 33.43 20.92 -15.78
N PRO A 157 34.30 21.50 -16.62
CA PRO A 157 34.92 20.91 -17.80
C PRO A 157 35.48 19.48 -17.68
N ASP A 158 35.82 19.05 -16.48
CA ASP A 158 36.38 17.72 -16.29
C ASP A 158 35.46 16.81 -15.46
N LEU A 159 34.27 17.31 -15.14
CA LEU A 159 33.25 16.51 -14.47
C LEU A 159 32.74 15.41 -15.38
N HIS A 160 32.57 14.23 -14.82
CA HIS A 160 31.86 13.16 -15.46
C HIS A 160 30.58 12.88 -14.67
N LEU A 161 29.49 12.62 -15.37
CA LEU A 161 28.19 12.38 -14.73
C LEU A 161 27.65 10.97 -14.89
N ARG A 162 26.99 10.49 -13.82
CA ARG A 162 26.19 9.26 -13.82
C ARG A 162 24.74 9.63 -13.66
N LEU A 163 23.92 9.19 -14.61
CA LEU A 163 22.51 9.56 -14.64
C LEU A 163 21.64 8.35 -14.42
N ASP A 164 20.61 8.51 -13.60
CA ASP A 164 19.70 7.43 -13.25
C ASP A 164 18.25 7.70 -13.71
N ALA A 165 17.80 7.00 -14.76
CA ALA A 165 16.46 7.23 -15.30
C ALA A 165 15.38 6.28 -14.76
N ASN A 166 15.79 5.08 -14.36
CA ASN A 166 14.86 4.08 -13.85
C ASN A 166 13.69 3.84 -14.82
N ARG A 167 14.00 3.80 -16.11
CA ARG A 167 13.03 3.55 -17.17
C ARG A 167 11.92 4.58 -17.25
N ALA A 168 12.30 5.85 -17.24
CA ALA A 168 11.33 6.93 -17.09
C ALA A 168 10.73 7.44 -18.39
N TRP A 169 11.33 7.11 -19.53
CA TRP A 169 11.00 7.82 -20.78
C TRP A 169 10.44 6.99 -21.93
N THR A 170 9.46 7.57 -22.63
CA THR A 170 9.11 7.17 -23.99
C THR A 170 10.27 7.60 -24.86
N PRO A 171 10.37 7.04 -26.09
CA PRO A 171 11.38 7.55 -27.04
C PRO A 171 11.41 9.09 -27.21
N LEU A 172 10.23 9.70 -27.27
CA LEU A 172 10.12 11.16 -27.40
C LEU A 172 10.81 11.94 -26.30
N LYS A 173 10.49 11.57 -25.07
CA LYS A 173 11.08 12.17 -23.88
C LYS A 173 12.56 11.85 -23.76
N GLY A 174 12.95 10.68 -24.24
CA GLY A 174 14.36 10.36 -24.36
C GLY A 174 15.03 11.38 -25.28
N GLN A 175 14.38 11.72 -26.38
CA GLN A 175 14.90 12.77 -27.27
C GLN A 175 14.79 14.19 -26.70
N GLN A 176 13.68 14.52 -26.06
CA GLN A 176 13.49 15.84 -25.48
C GLN A 176 14.51 16.20 -24.37
N PHE A 177 15.02 15.19 -23.67
CA PHE A 177 16.02 15.41 -22.62
C PHE A 177 17.39 15.74 -23.24
N ALA A 178 17.78 14.94 -24.23
CA ALA A 178 19.08 15.06 -24.86
C ALA A 178 19.15 16.33 -25.70
N LYS A 179 17.99 16.78 -26.18
CA LYS A 179 17.82 18.10 -26.79
C LYS A 179 18.66 19.18 -26.11
N TYR A 180 18.77 19.10 -24.78
CA TYR A 180 19.40 20.15 -23.97
C TYR A 180 20.84 19.89 -23.60
N VAL A 181 21.39 18.76 -24.02
CA VAL A 181 22.77 18.45 -23.69
C VAL A 181 23.70 18.64 -24.90
N ASN A 182 24.72 19.48 -24.73
CA ASN A 182 25.69 19.79 -25.76
C ASN A 182 26.35 18.48 -26.21
N PRO A 183 26.24 18.13 -27.52
CA PRO A 183 26.87 16.88 -27.98
C PRO A 183 28.34 16.75 -27.58
N ASP A 184 29.02 17.89 -27.43
CA ASP A 184 30.45 17.91 -27.20
C ASP A 184 30.81 17.61 -25.75
N TYR A 185 29.82 17.67 -24.86
CA TYR A 185 29.98 17.23 -23.46
C TYR A 185 29.50 15.82 -23.21
N ARG A 186 28.77 15.27 -24.18
CA ARG A 186 28.08 13.98 -23.97
C ARG A 186 28.99 12.82 -23.64
N ASP A 187 30.28 12.91 -24.01
CA ASP A 187 31.24 11.85 -23.73
C ASP A 187 31.61 11.81 -22.23
N ARG A 188 31.28 12.89 -21.53
CA ARG A 188 31.48 12.98 -20.10
C ARG A 188 30.29 12.49 -19.27
N ILE A 189 29.20 12.10 -19.92
CA ILE A 189 28.20 11.24 -19.26
C ILE A 189 28.71 9.81 -19.37
N ALA A 190 29.26 9.33 -18.25
CA ALA A 190 29.80 7.97 -18.12
C ALA A 190 28.73 6.93 -18.43
N PHE A 191 27.55 7.12 -17.86
CA PHE A 191 26.37 6.35 -18.25
C PHE A 191 25.05 7.05 -17.90
N LEU A 192 24.03 6.77 -18.70
CA LEU A 192 22.63 7.00 -18.34
C LEU A 192 21.99 5.62 -18.21
N ALA A 193 21.52 5.32 -16.99
CA ALA A 193 20.94 4.04 -16.65
C ALA A 193 19.48 4.00 -17.05
N GLU A 194 19.10 2.98 -17.83
CA GLU A 194 17.70 2.63 -18.06
C GLU A 194 16.85 3.85 -18.46
N PRO A 195 17.26 4.54 -19.54
CA PRO A 195 16.52 5.71 -19.99
C PRO A 195 15.06 5.42 -20.34
N CYS A 196 14.83 4.31 -21.03
CA CYS A 196 13.51 4.03 -21.60
C CYS A 196 12.81 2.80 -21.01
N LYS A 197 11.56 2.65 -21.42
CA LYS A 197 10.68 1.63 -20.86
C LYS A 197 10.97 0.24 -21.38
N THR A 198 11.53 0.17 -22.59
CA THR A 198 12.02 -1.08 -23.12
C THR A 198 13.48 -0.93 -23.45
N ARG A 199 14.14 -2.07 -23.52
CA ARG A 199 15.57 -2.12 -23.72
C ARG A 199 15.90 -1.79 -25.17
N ASP A 200 15.03 -2.19 -26.08
CA ASP A 200 15.14 -1.83 -27.49
C ASP A 200 15.16 -0.30 -27.67
N ASP A 201 14.34 0.41 -26.90
CA ASP A 201 14.27 1.87 -26.99
C ASP A 201 15.44 2.58 -26.34
N SER A 202 15.99 1.99 -25.29
CA SER A 202 17.16 2.50 -24.61
C SER A 202 18.39 2.34 -25.49
N ARG A 203 18.50 1.21 -26.15
CA ARG A 203 19.54 1.00 -27.13
C ARG A 203 19.43 1.99 -28.30
N ALA A 204 18.20 2.26 -28.73
CA ALA A 204 17.97 3.20 -29.82
C ALA A 204 18.35 4.62 -29.43
N PHE A 205 17.97 4.99 -28.21
CA PHE A 205 18.38 6.28 -27.63
C PHE A 205 19.91 6.38 -27.55
N ALA A 206 20.60 5.34 -27.08
CA ALA A 206 22.07 5.35 -27.10
C ALA A 206 22.66 5.67 -28.49
N ARG A 207 22.10 5.06 -29.53
CA ARG A 207 22.61 5.20 -30.89
C ARG A 207 22.33 6.58 -31.49
N GLU A 208 21.12 7.08 -31.29
CA GLU A 208 20.73 8.38 -31.84
C GLU A 208 21.45 9.53 -31.18
N THR A 209 21.68 9.40 -29.88
CA THR A 209 22.19 10.50 -29.07
C THR A 209 23.70 10.41 -28.79
N GLY A 210 24.31 9.28 -29.13
CA GLY A 210 25.69 9.03 -28.74
C GLY A 210 25.97 9.11 -27.24
N ILE A 211 24.94 8.90 -26.42
CA ILE A 211 25.07 8.91 -24.97
C ILE A 211 25.11 7.45 -24.47
N ALA A 212 26.14 7.14 -23.68
CA ALA A 212 26.37 5.80 -23.13
C ALA A 212 25.31 5.43 -22.11
N ILE A 213 24.86 4.19 -22.17
CA ILE A 213 23.82 3.70 -21.25
C ILE A 213 24.32 2.60 -20.34
N ALA A 214 23.55 2.43 -19.26
CA ALA A 214 23.74 1.35 -18.29
C ALA A 214 22.43 0.56 -18.14
N TRP A 215 22.55 -0.72 -17.82
CA TRP A 215 21.41 -1.46 -17.33
C TRP A 215 21.41 -1.48 -15.79
N ASP A 216 20.22 -1.51 -15.22
CA ASP A 216 20.02 -1.47 -13.76
C ASP A 216 18.90 -2.48 -13.47
N GLU A 217 17.65 -2.04 -13.57
CA GLU A 217 16.53 -2.92 -13.29
C GLU A 217 16.45 -4.10 -14.25
N SER A 218 17.06 -4.00 -15.44
CA SER A 218 17.11 -5.11 -16.40
C SER A 218 17.81 -6.31 -15.82
N LEU A 219 18.90 -6.06 -15.07
CA LEU A 219 19.73 -7.11 -14.46
C LEU A 219 18.94 -8.02 -13.48
N ARG A 220 17.92 -7.44 -12.84
CA ARG A 220 17.12 -8.12 -11.83
C ARG A 220 15.81 -8.73 -12.38
N GLU A 221 15.63 -8.71 -13.70
CA GLU A 221 14.49 -9.29 -14.32
C GLU A 221 14.94 -10.65 -14.84
N PRO A 222 13.99 -11.59 -15.03
CA PRO A 222 14.41 -12.95 -15.36
C PRO A 222 14.97 -13.05 -16.76
N ASP A 223 16.03 -13.85 -16.90
CA ASP A 223 16.64 -14.13 -18.20
C ASP A 223 17.36 -12.93 -18.80
N PHE A 224 18.08 -12.20 -17.95
CA PHE A 224 19.00 -11.15 -18.41
C PHE A 224 20.31 -11.80 -18.85
N ALA A 225 20.79 -11.43 -20.02
CA ALA A 225 22.09 -11.91 -20.48
C ALA A 225 23.08 -10.76 -20.56
N PHE A 226 24.32 -11.03 -20.16
CA PHE A 226 25.41 -10.10 -20.37
C PHE A 226 25.85 -10.27 -21.80
N VAL A 227 25.57 -9.23 -22.60
CA VAL A 227 25.77 -9.25 -24.05
C VAL A 227 26.44 -7.96 -24.48
N ALA A 228 27.37 -8.06 -25.41
CA ALA A 228 27.97 -6.85 -26.00
C ALA A 228 26.87 -6.14 -26.78
N GLU A 229 26.60 -4.90 -26.40
CA GLU A 229 25.64 -4.04 -27.10
C GLU A 229 26.33 -2.73 -27.35
N GLU A 230 26.22 -2.21 -28.56
CA GLU A 230 26.80 -0.90 -28.87
C GLU A 230 25.99 0.16 -28.11
N GLY A 231 26.70 1.07 -27.45
CA GLY A 231 26.06 2.09 -26.64
C GLY A 231 26.05 1.78 -25.16
N VAL A 232 26.12 0.49 -24.81
CA VAL A 232 26.11 0.06 -23.43
C VAL A 232 27.55 0.00 -22.93
N ARG A 233 27.79 0.65 -21.79
CA ARG A 233 29.11 0.75 -21.22
C ARG A 233 29.18 0.37 -19.74
N ALA A 234 28.04 0.33 -19.05
CA ALA A 234 28.01 0.02 -17.64
C ALA A 234 26.84 -0.89 -17.26
N VAL A 235 26.98 -1.59 -16.14
CA VAL A 235 25.85 -2.17 -15.43
C VAL A 235 25.90 -1.66 -14.00
N VAL A 236 24.71 -1.49 -13.43
CA VAL A 236 24.56 -1.07 -12.05
C VAL A 236 24.05 -2.27 -11.29
N ILE A 237 24.80 -2.70 -10.28
CA ILE A 237 24.45 -3.89 -9.50
C ILE A 237 24.06 -3.51 -8.06
N LYS A 238 22.76 -3.58 -7.71
CA LYS A 238 22.23 -3.36 -6.35
C LYS A 238 22.13 -4.66 -5.52
N PRO A 239 23.13 -4.98 -4.67
CA PRO A 239 23.19 -6.33 -4.06
C PRO A 239 22.01 -6.78 -3.17
N THR A 240 21.37 -5.83 -2.50
CA THR A 240 20.22 -6.13 -1.63
C THR A 240 19.02 -6.56 -2.45
N LEU A 241 18.98 -6.15 -3.72
CA LEU A 241 17.92 -6.54 -4.65
C LEU A 241 18.36 -7.64 -5.59
N THR A 242 19.60 -8.08 -5.49
CA THR A 242 20.18 -9.08 -6.37
C THR A 242 20.34 -10.43 -5.67
N GLY A 243 20.95 -10.39 -4.50
CA GLY A 243 21.15 -11.58 -3.70
C GLY A 243 22.55 -11.69 -3.18
N SER A 244 23.11 -12.89 -3.28
CA SER A 244 24.32 -13.21 -2.56
C SER A 244 25.44 -12.39 -3.12
N LEU A 245 26.46 -12.24 -2.30
CA LEU A 245 27.72 -11.59 -2.65
C LEU A 245 28.44 -12.43 -3.72
N GLU A 246 28.12 -13.70 -3.75
CA GLU A 246 28.68 -14.65 -4.73
C GLU A 246 28.08 -14.42 -6.12
N LYS A 247 26.83 -13.96 -6.12
CA LYS A 247 26.08 -13.72 -7.35
C LYS A 247 26.42 -12.35 -7.89
N VAL A 248 26.70 -11.41 -6.96
CA VAL A 248 27.06 -10.05 -7.30
C VAL A 248 28.39 -10.06 -8.02
N ARG A 249 29.33 -10.74 -7.39
CA ARG A 249 30.64 -11.04 -7.95
C ARG A 249 30.53 -11.57 -9.38
N GLU A 250 29.79 -12.66 -9.54
CA GLU A 250 29.43 -13.25 -10.85
C GLU A 250 29.02 -12.25 -11.92
N GLN A 251 28.13 -11.34 -11.55
CA GLN A 251 27.68 -10.28 -12.43
C GLN A 251 28.79 -9.29 -12.73
N VAL A 252 29.57 -8.90 -11.72
CA VAL A 252 30.75 -8.08 -11.95
C VAL A 252 31.71 -8.73 -12.95
N GLN A 253 32.00 -10.01 -12.77
CA GLN A 253 32.95 -10.70 -13.67
C GLN A 253 32.45 -10.75 -15.11
N ALA A 254 31.13 -10.92 -15.27
CA ALA A 254 30.47 -11.00 -16.58
C ALA A 254 30.60 -9.68 -17.32
N ALA A 255 30.34 -8.59 -16.60
CA ALA A 255 30.52 -7.23 -17.08
C ALA A 255 31.98 -6.99 -17.52
N HIS A 256 32.91 -7.17 -16.60
CA HIS A 256 34.33 -6.95 -16.86
C HIS A 256 34.89 -7.78 -18.03
N ALA A 257 34.31 -8.94 -18.30
CA ALA A 257 34.66 -9.69 -19.51
C ALA A 257 34.17 -8.97 -20.77
N LEU A 258 33.04 -8.28 -20.67
CA LEU A 258 32.48 -7.49 -21.80
C LEU A 258 33.03 -6.07 -21.93
N GLY A 259 33.84 -5.64 -20.98
CA GLY A 259 34.45 -4.31 -21.03
C GLY A 259 33.60 -3.25 -20.36
N LEU A 260 32.64 -3.68 -19.56
CA LEU A 260 31.70 -2.76 -18.94
C LEU A 260 32.14 -2.39 -17.54
N THR A 261 31.64 -1.25 -17.10
CA THR A 261 31.79 -0.79 -15.74
C THR A 261 30.69 -1.42 -14.90
N ALA A 262 31.11 -2.05 -13.80
CA ALA A 262 30.20 -2.52 -12.77
C ALA A 262 30.26 -1.50 -11.64
N VAL A 263 29.12 -0.87 -11.36
CA VAL A 263 28.94 -0.03 -10.19
C VAL A 263 28.17 -0.84 -9.14
N ILE A 264 28.73 -0.95 -7.93
CA ILE A 264 28.04 -1.51 -6.79
C ILE A 264 27.23 -0.37 -6.20
N SER A 265 25.91 -0.54 -6.01
CA SER A 265 25.02 0.54 -5.54
C SER A 265 24.16 0.25 -4.32
N SER A 266 23.76 1.35 -3.70
CA SER A 266 22.94 1.36 -2.51
C SER A 266 21.46 1.12 -2.81
N SER A 267 20.86 0.24 -2.02
CA SER A 267 19.43 0.08 -1.98
C SER A 267 18.93 0.73 -0.68
N ILE A 268 19.55 1.85 -0.31
CA ILE A 268 19.29 2.65 0.94
C ILE A 268 19.46 1.82 2.22
N GLU A 269 20.60 1.13 2.31
CA GLU A 269 20.95 0.33 3.48
C GLU A 269 21.41 1.25 4.59
N SER A 270 21.27 0.81 5.84
CA SER A 270 21.89 1.52 6.96
C SER A 270 23.38 1.63 6.75
N SER A 271 24.02 2.44 7.59
CA SER A 271 25.47 2.56 7.60
C SER A 271 26.22 1.22 7.58
N LEU A 272 25.70 0.20 8.28
CA LEU A 272 26.37 -1.11 8.34
C LEU A 272 26.49 -1.74 6.94
N GLY A 273 25.37 -1.86 6.25
CA GLY A 273 25.34 -2.38 4.87
C GLY A 273 26.07 -1.49 3.86
N LEU A 274 25.90 -0.19 3.99
CA LEU A 274 26.69 0.76 3.17
C LEU A 274 28.21 0.55 3.30
N THR A 275 28.74 0.34 4.51
CA THR A 275 30.22 0.09 4.70
C THR A 275 30.69 -1.24 4.07
N GLN A 276 29.83 -2.26 4.10
CA GLN A 276 30.13 -3.53 3.42
C GLN A 276 30.02 -3.41 1.90
N LEU A 277 29.10 -2.56 1.42
CA LEU A 277 29.00 -2.25 -0.01
C LEU A 277 30.26 -1.55 -0.47
N ALA A 278 30.69 -0.58 0.32
CA ALA A 278 31.98 0.10 0.15
C ALA A 278 33.14 -0.89 0.07
N ARG A 279 33.09 -1.90 0.94
CA ARG A 279 34.11 -2.95 0.98
C ARG A 279 34.04 -3.90 -0.19
N ILE A 280 32.85 -4.37 -0.54
CA ILE A 280 32.61 -5.17 -1.76
C ILE A 280 33.04 -4.41 -3.02
N ALA A 281 32.88 -3.09 -3.03
CA ALA A 281 33.39 -2.27 -4.16
C ALA A 281 34.89 -2.34 -4.33
N ALA A 282 35.62 -1.98 -3.27
CA ALA A 282 37.09 -1.99 -3.32
C ALA A 282 37.61 -3.37 -3.73
N TRP A 283 36.92 -4.42 -3.27
CA TRP A 283 37.30 -5.78 -3.55
C TRP A 283 37.01 -6.17 -5.01
N LEU A 284 35.77 -5.92 -5.45
CA LEU A 284 35.30 -6.43 -6.76
C LEU A 284 35.44 -5.42 -7.89
N THR A 285 35.19 -4.14 -7.61
CA THR A 285 35.26 -3.08 -8.63
C THR A 285 36.22 -1.97 -8.19
N PRO A 286 37.51 -2.33 -7.98
CA PRO A 286 38.47 -1.52 -7.24
C PRO A 286 38.65 -0.09 -7.74
N ASP A 287 38.54 0.10 -9.05
CA ASP A 287 38.70 1.43 -9.64
C ASP A 287 37.38 2.16 -9.88
N THR A 288 36.25 1.54 -9.51
CA THR A 288 34.93 2.14 -9.72
C THR A 288 34.31 2.65 -8.42
N ILE A 289 34.14 3.96 -8.33
CA ILE A 289 33.42 4.58 -7.24
C ILE A 289 32.06 3.87 -7.16
N PRO A 290 31.68 3.40 -5.94
CA PRO A 290 30.39 2.77 -5.74
C PRO A 290 29.30 3.84 -5.59
N GLY A 291 28.03 3.48 -5.71
CA GLY A 291 26.95 4.46 -5.68
C GLY A 291 26.27 4.41 -4.34
N LEU A 292 26.99 4.91 -3.33
CA LEU A 292 26.64 4.66 -1.94
C LEU A 292 26.27 5.91 -1.16
N ASP A 293 26.09 7.04 -1.85
CA ASP A 293 25.86 8.33 -1.19
C ASP A 293 24.39 8.43 -0.88
N THR A 294 23.93 7.56 0.02
CA THR A 294 22.54 7.56 0.47
C THR A 294 22.38 7.66 2.01
N LEU A 295 23.50 7.79 2.73
CA LEU A 295 23.47 7.84 4.19
C LEU A 295 22.84 9.13 4.74
N ASP A 296 23.06 10.24 4.05
CA ASP A 296 22.52 11.55 4.47
C ASP A 296 21.01 11.66 4.34
N LEU A 297 20.40 10.70 3.66
CA LEU A 297 18.94 10.53 3.64
C LEU A 297 18.38 10.15 5.01
N MET A 298 19.23 9.58 5.85
CA MET A 298 18.81 8.99 7.13
C MET A 298 19.27 9.86 8.28
N GLN A 299 18.66 9.64 9.45
CA GLN A 299 18.91 10.46 10.66
C GLN A 299 19.91 9.87 11.66
N ALA A 300 20.29 8.61 11.48
CA ALA A 300 21.31 8.01 12.32
C ALA A 300 22.03 6.84 11.62
N GLN A 301 23.23 6.58 12.09
CA GLN A 301 24.01 5.38 11.78
C GLN A 301 23.73 4.30 12.83
N GLN A 302 24.15 3.07 12.55
CA GLN A 302 24.01 1.96 13.51
C GLN A 302 25.16 0.99 13.37
N VAL A 303 25.69 0.56 14.52
CA VAL A 303 26.68 -0.51 14.61
C VAL A 303 28.02 -0.13 13.99
N ARG A 304 27.99 0.28 12.73
CA ARG A 304 29.21 0.60 12.03
C ARG A 304 29.16 2.01 11.47
N ARG A 305 30.29 2.71 11.64
CA ARG A 305 30.47 4.08 11.18
C ARG A 305 30.82 4.12 9.72
N TRP A 306 30.28 5.14 9.05
CA TRP A 306 30.79 5.61 7.76
C TRP A 306 31.77 6.78 8.04
N PRO A 307 32.99 6.72 7.48
CA PRO A 307 33.99 7.71 7.86
C PRO A 307 33.60 9.13 7.44
N GLY A 308 33.62 10.07 8.37
CA GLY A 308 33.31 11.45 8.06
C GLY A 308 31.87 11.88 8.29
N SER A 309 30.94 10.94 8.39
CA SER A 309 29.58 11.28 8.77
C SER A 309 29.56 11.70 10.23
N THR A 310 28.92 12.83 10.52
CA THR A 310 28.69 13.25 11.91
C THR A 310 27.28 12.90 12.44
N LEU A 311 26.57 12.03 11.70
CA LEU A 311 25.30 11.45 12.18
C LEU A 311 25.58 10.59 13.41
N PRO A 312 24.72 10.67 14.43
CA PRO A 312 24.93 9.84 15.62
C PRO A 312 24.90 8.35 15.30
N VAL A 313 25.37 7.55 16.24
CA VAL A 313 25.58 6.12 16.04
C VAL A 313 24.78 5.33 17.07
N VAL A 314 23.85 4.53 16.59
CA VAL A 314 23.10 3.63 17.47
C VAL A 314 23.95 2.39 17.74
N GLU A 315 24.12 2.07 19.01
CA GLU A 315 24.90 0.91 19.43
C GLU A 315 24.03 -0.34 19.39
N VAL A 316 24.66 -1.49 19.28
CA VAL A 316 23.96 -2.80 19.27
C VAL A 316 23.16 -3.02 20.55
N ASP A 317 23.79 -2.62 21.67
CA ASP A 317 23.15 -2.35 22.96
C ASP A 317 21.66 -1.98 22.84
N ALA A 318 21.38 -1.02 21.95
CA ALA A 318 20.06 -0.38 21.82
C ALA A 318 19.18 -0.97 20.73
N LEU A 319 19.62 -2.03 20.08
CA LEU A 319 18.84 -2.62 19.00
C LEU A 319 17.86 -3.66 19.55
N GLU A 320 16.69 -3.75 18.90
CA GLU A 320 15.70 -4.76 19.28
C GLU A 320 16.16 -6.11 18.79
N ARG A 321 16.28 -7.04 19.72
CA ARG A 321 16.82 -8.36 19.44
C ARG A 321 15.73 -9.41 19.32
N LEU A 322 15.62 -10.03 18.15
CA LEU A 322 14.64 -11.10 17.91
C LEU A 322 15.20 -12.49 18.22
N LEU A 323 16.52 -12.62 18.15
CA LEU A 323 17.21 -13.89 18.39
C LEU A 323 18.56 -13.60 19.05
N MET B 4 0.04 -5.14 -43.31
CA MET B 4 0.17 -4.06 -42.30
C MET B 4 -0.17 -4.53 -40.88
N ARG B 5 0.63 -4.06 -39.94
CA ARG B 5 0.46 -4.35 -38.53
C ARG B 5 -0.41 -3.29 -37.90
N SER B 6 -1.26 -3.71 -36.97
CA SER B 6 -1.98 -2.77 -36.14
C SER B 6 -2.15 -3.41 -34.77
N ALA B 7 -2.53 -2.61 -33.79
CA ALA B 7 -2.65 -3.10 -32.42
C ALA B 7 -3.64 -2.25 -31.64
N GLN B 8 -4.18 -2.83 -30.57
CA GLN B 8 -5.10 -2.12 -29.68
C GLN B 8 -4.82 -2.54 -28.24
N VAL B 9 -4.98 -1.62 -27.29
CA VAL B 9 -4.77 -1.97 -25.88
C VAL B 9 -5.99 -1.55 -25.09
N TYR B 10 -6.46 -2.48 -24.27
CA TYR B 10 -7.64 -2.24 -23.46
C TYR B 10 -7.23 -2.25 -22.01
N ARG B 11 -7.86 -1.38 -21.24
CA ARG B 11 -7.65 -1.30 -19.80
C ARG B 11 -8.98 -1.65 -19.16
N TRP B 12 -8.95 -2.36 -18.04
CA TRP B 12 -10.18 -2.78 -17.37
C TRP B 12 -10.05 -3.04 -15.90
N GLN B 13 -11.20 -3.10 -15.25
CA GLN B 13 -11.34 -3.47 -13.85
C GLN B 13 -12.61 -4.33 -13.74
N ILE B 14 -12.47 -5.54 -13.21
CA ILE B 14 -13.59 -6.47 -13.03
C ILE B 14 -13.83 -6.58 -11.53
N PRO B 15 -15.08 -6.35 -11.07
CA PRO B 15 -15.39 -6.58 -9.65
C PRO B 15 -15.22 -8.03 -9.17
N MET B 16 -14.81 -8.16 -7.92
CA MET B 16 -14.62 -9.47 -7.30
C MET B 16 -15.74 -9.73 -6.30
N ASP B 17 -16.05 -11.01 -6.10
CA ASP B 17 -17.03 -11.42 -5.07
C ASP B 17 -16.70 -10.78 -3.72
N ARG B 25 -10.28 -4.52 3.24
CA ARG B 25 -10.92 -5.62 2.53
C ARG B 25 -10.17 -6.00 1.23
N ARG B 26 -9.09 -6.76 1.39
N ARG B 26 -9.12 -6.80 1.38
CA ARG B 26 -8.14 -7.13 0.33
CA ARG B 26 -8.15 -7.15 0.32
C ARG B 26 -8.51 -6.70 -1.11
C ARG B 26 -8.50 -6.71 -1.11
N LEU B 27 -9.03 -7.62 -1.92
CA LEU B 27 -9.10 -7.42 -3.38
C LEU B 27 -10.53 -7.31 -3.91
N LYS B 28 -10.96 -6.08 -4.20
CA LYS B 28 -12.32 -5.86 -4.69
C LYS B 28 -12.43 -5.58 -6.19
N THR B 29 -11.32 -5.30 -6.86
CA THR B 29 -11.28 -5.31 -8.32
C THR B 29 -10.13 -6.15 -8.82
N ARG B 30 -10.33 -6.80 -9.94
CA ARG B 30 -9.20 -7.27 -10.70
C ARG B 30 -8.97 -6.23 -11.77
N ASP B 31 -7.81 -5.56 -11.68
CA ASP B 31 -7.39 -4.59 -12.67
C ASP B 31 -6.40 -5.25 -13.62
N GLY B 32 -6.52 -4.93 -14.89
CA GLY B 32 -5.59 -5.50 -15.85
C GLY B 32 -5.75 -4.94 -17.24
N LEU B 33 -5.09 -5.60 -18.18
CA LEU B 33 -5.02 -5.10 -19.55
C LEU B 33 -5.11 -6.24 -20.56
N TYR B 34 -5.62 -5.94 -21.75
CA TYR B 34 -5.51 -6.84 -22.92
C TYR B 34 -4.74 -6.15 -24.03
N VAL B 35 -4.08 -6.94 -24.86
CA VAL B 35 -3.51 -6.42 -26.12
C VAL B 35 -4.17 -7.19 -27.28
N CYS B 36 -4.37 -6.51 -28.39
CA CYS B 36 -4.84 -7.14 -29.61
C CYS B 36 -3.82 -6.86 -30.69
N LEU B 37 -3.16 -7.88 -31.19
CA LEU B 37 -2.25 -7.70 -32.29
C LEU B 37 -2.97 -8.13 -33.56
N ARG B 38 -2.69 -7.42 -34.64
N ARG B 38 -2.67 -7.46 -34.66
CA ARG B 38 -3.21 -7.74 -35.96
CA ARG B 38 -3.28 -7.76 -35.95
C ARG B 38 -2.11 -7.64 -36.99
C ARG B 38 -2.24 -7.59 -37.06
N GLU B 39 -2.03 -8.63 -37.87
CA GLU B 39 -1.15 -8.56 -39.04
C GLU B 39 -1.90 -9.18 -40.20
N GLY B 40 -2.13 -8.40 -41.25
CA GLY B 40 -3.09 -8.79 -42.27
C GLY B 40 -4.46 -9.02 -41.66
N GLU B 41 -5.03 -10.18 -41.98
CA GLU B 41 -6.34 -10.65 -41.47
C GLU B 41 -6.20 -11.45 -40.17
N ARG B 42 -4.96 -11.78 -39.81
CA ARG B 42 -4.69 -12.56 -38.62
C ARG B 42 -4.82 -11.67 -37.40
N GLU B 43 -5.17 -12.30 -36.27
CA GLU B 43 -5.44 -11.59 -35.04
C GLU B 43 -4.90 -12.37 -33.86
N GLY B 44 -4.50 -11.66 -32.81
CA GLY B 44 -3.96 -12.28 -31.61
C GLY B 44 -4.27 -11.48 -30.37
N TRP B 45 -4.72 -12.18 -29.32
CA TRP B 45 -4.95 -11.54 -28.04
C TRP B 45 -4.07 -12.08 -26.93
N GLY B 46 -3.90 -11.25 -25.92
CA GLY B 46 -3.05 -11.54 -24.79
C GLY B 46 -3.52 -10.73 -23.61
N GLU B 47 -3.37 -11.28 -22.42
CA GLU B 47 -3.75 -10.59 -21.18
C GLU B 47 -2.53 -10.21 -20.34
N ILE B 48 -2.53 -8.98 -19.83
CA ILE B 48 -1.44 -8.42 -19.01
C ILE B 48 -2.03 -7.94 -17.69
N SER B 49 -1.92 -8.79 -16.67
CA SER B 49 -2.60 -8.53 -15.39
C SER B 49 -1.72 -8.91 -14.23
N PRO B 50 -0.73 -8.06 -13.92
CA PRO B 50 0.05 -8.33 -12.71
C PRO B 50 -0.83 -8.29 -11.46
N LEU B 51 -0.44 -9.11 -10.49
CA LEU B 51 -1.24 -9.44 -9.33
C LEU B 51 -0.60 -8.78 -8.12
N PRO B 52 -1.32 -7.83 -7.49
CA PRO B 52 -0.84 -7.19 -6.27
C PRO B 52 -0.37 -8.16 -5.18
N GLY B 53 0.89 -7.99 -4.79
CA GLY B 53 1.48 -8.80 -3.72
C GLY B 53 2.28 -9.97 -4.22
N PHE B 54 2.19 -10.22 -5.53
CA PHE B 54 2.83 -11.35 -6.16
C PHE B 54 3.70 -10.91 -7.33
N SER B 55 3.12 -10.06 -8.18
CA SER B 55 3.87 -9.45 -9.27
C SER B 55 4.76 -8.33 -8.72
N GLN B 56 6.05 -8.48 -9.01
CA GLN B 56 7.02 -7.37 -9.06
C GLN B 56 6.39 -6.06 -9.59
N GLU B 57 6.07 -6.01 -10.89
CA GLU B 57 5.55 -4.79 -11.56
C GLU B 57 4.15 -4.38 -11.10
N THR B 58 3.82 -3.11 -11.33
CA THR B 58 2.48 -2.60 -11.04
C THR B 58 1.65 -2.59 -12.32
N TRP B 59 0.34 -2.53 -12.15
CA TRP B 59 -0.59 -2.40 -13.26
C TRP B 59 -0.20 -1.26 -14.20
N GLU B 60 0.14 -0.11 -13.62
CA GLU B 60 0.47 1.09 -14.38
C GLU B 60 1.87 0.96 -15.02
N GLU B 61 2.79 0.39 -14.27
CA GLU B 61 4.09 -0.05 -14.78
C GLU B 61 3.91 -0.94 -16.03
N ALA B 62 3.00 -1.91 -15.93
CA ALA B 62 2.79 -2.91 -16.98
C ALA B 62 2.21 -2.30 -18.27
N GLN B 63 1.27 -1.40 -18.07
CA GLN B 63 0.65 -0.60 -19.13
C GLN B 63 1.66 0.19 -19.96
N SER B 64 2.49 0.95 -19.27
CA SER B 64 3.58 1.71 -19.88
C SER B 64 4.56 0.88 -20.69
N VAL B 65 4.97 -0.27 -20.16
CA VAL B 65 5.85 -1.21 -20.85
C VAL B 65 5.12 -1.89 -22.00
N LEU B 66 3.81 -2.08 -21.86
CA LEU B 66 3.05 -2.80 -22.87
C LEU B 66 2.88 -1.91 -24.10
N LEU B 67 2.41 -0.69 -23.86
CA LEU B 67 2.24 0.31 -24.91
C LEU B 67 3.55 0.54 -25.63
N ALA B 68 4.63 0.66 -24.87
CA ALA B 68 5.93 0.89 -25.48
C ALA B 68 6.37 -0.27 -26.37
N TRP B 69 6.10 -1.50 -25.93
CA TRP B 69 6.50 -2.69 -26.69
C TRP B 69 5.66 -2.83 -27.96
N VAL B 70 4.39 -2.44 -27.85
CA VAL B 70 3.50 -2.49 -29.01
C VAL B 70 4.01 -1.58 -30.14
N ASN B 71 4.50 -0.39 -29.79
CA ASN B 71 5.18 0.50 -30.76
C ASN B 71 6.40 -0.14 -31.37
N ASN B 72 7.22 -0.76 -30.55
CA ASN B 72 8.37 -1.55 -31.03
C ASN B 72 7.89 -2.60 -32.04
N TRP B 73 6.79 -3.27 -31.72
CA TRP B 73 6.26 -4.36 -32.55
C TRP B 73 5.76 -3.85 -33.90
N LEU B 74 5.06 -2.71 -33.88
CA LEU B 74 4.61 -2.05 -35.08
C LEU B 74 5.76 -1.72 -36.03
N ALA B 75 6.92 -1.37 -35.47
CA ALA B 75 8.10 -1.02 -36.25
C ALA B 75 8.95 -2.24 -36.63
N GLY B 76 8.52 -3.44 -36.23
CA GLY B 76 9.18 -4.69 -36.60
C GLY B 76 10.12 -5.33 -35.58
N ASP B 77 10.21 -4.75 -34.38
CA ASP B 77 11.14 -5.25 -33.36
C ASP B 77 10.67 -6.57 -32.76
N CYS B 78 11.63 -7.49 -32.60
CA CYS B 78 11.35 -8.84 -32.08
C CYS B 78 11.40 -8.95 -30.57
N GLU B 79 12.24 -8.16 -29.91
CA GLU B 79 12.51 -8.41 -28.50
C GLU B 79 11.19 -8.36 -27.73
N LEU B 80 10.99 -9.34 -26.88
CA LEU B 80 9.92 -9.31 -25.90
C LEU B 80 10.48 -8.73 -24.63
N PRO B 81 9.66 -7.98 -23.88
CA PRO B 81 10.16 -7.51 -22.59
C PRO B 81 10.29 -8.67 -21.60
N GLN B 82 11.14 -8.53 -20.60
N GLN B 82 11.15 -8.49 -20.61
CA GLN B 82 11.31 -9.58 -19.60
CA GLN B 82 11.40 -9.49 -19.56
C GLN B 82 10.32 -9.43 -18.43
C GLN B 82 10.31 -9.44 -18.48
N MET B 83 9.65 -8.28 -18.35
CA MET B 83 8.61 -8.07 -17.35
C MET B 83 7.56 -9.14 -17.50
N PRO B 84 7.41 -10.00 -16.47
CA PRO B 84 6.57 -11.18 -16.53
C PRO B 84 5.18 -11.01 -17.11
N SER B 85 4.37 -10.11 -16.56
CA SER B 85 2.97 -10.02 -16.98
C SER B 85 2.87 -9.63 -18.45
N VAL B 86 3.72 -8.67 -18.83
CA VAL B 86 3.76 -8.21 -20.21
C VAL B 86 4.32 -9.32 -21.12
N ALA B 87 5.42 -9.96 -20.73
CA ALA B 87 6.00 -11.06 -21.56
C ALA B 87 4.97 -12.16 -21.85
N PHE B 88 4.18 -12.47 -20.84
CA PHE B 88 3.17 -13.50 -20.95
C PHE B 88 2.08 -13.09 -21.93
N GLY B 89 1.40 -11.99 -21.63
CA GLY B 89 0.31 -11.51 -22.47
C GLY B 89 0.71 -11.39 -23.92
N VAL B 90 1.79 -10.67 -24.12
CA VAL B 90 2.30 -10.38 -25.44
C VAL B 90 2.69 -11.65 -26.20
N SER B 91 3.24 -12.63 -25.50
CA SER B 91 3.65 -13.89 -26.12
C SER B 91 2.44 -14.72 -26.58
N CYS B 92 1.31 -14.58 -25.87
CA CYS B 92 0.08 -15.27 -26.25
C CYS B 92 -0.50 -14.67 -27.53
N ALA B 93 -0.63 -13.34 -27.54
CA ALA B 93 -1.06 -12.63 -28.74
C ALA B 93 -0.26 -13.12 -29.96
N LEU B 94 1.05 -13.15 -29.82
CA LEU B 94 1.95 -13.54 -30.91
C LEU B 94 1.71 -14.99 -31.38
N ALA B 95 1.45 -15.87 -30.43
CA ALA B 95 1.17 -17.26 -30.71
C ALA B 95 -0.18 -17.45 -31.40
N GLU B 96 -1.17 -16.66 -31.01
CA GLU B 96 -2.47 -16.68 -31.67
C GLU B 96 -2.41 -16.15 -33.11
N LEU B 97 -1.66 -15.06 -33.33
CA LEU B 97 -1.33 -14.60 -34.68
C LEU B 97 -0.86 -15.70 -35.59
N THR B 98 -0.01 -16.58 -35.05
CA THR B 98 0.64 -17.64 -35.82
C THR B 98 -0.21 -18.91 -35.92
N ASP B 99 -1.30 -18.96 -35.15
CA ASP B 99 -2.12 -20.18 -35.03
C ASP B 99 -1.36 -21.36 -34.43
N THR B 100 -0.39 -21.11 -33.56
CA THR B 100 0.41 -22.21 -32.99
C THR B 100 -0.07 -22.65 -31.59
N LEU B 101 -0.89 -21.80 -30.97
CA LEU B 101 -1.59 -22.13 -29.72
C LEU B 101 -2.95 -22.75 -30.10
N PRO B 102 -3.12 -24.07 -29.89
CA PRO B 102 -4.34 -24.72 -30.39
C PRO B 102 -5.59 -24.27 -29.64
N GLN B 103 -6.77 -24.41 -30.25
N GLN B 103 -6.74 -24.45 -30.29
CA GLN B 103 -8.02 -24.09 -29.54
CA GLN B 103 -8.07 -24.18 -29.69
C GLN B 103 -8.33 -25.14 -28.47
C GLN B 103 -8.41 -25.17 -28.57
N ALA B 104 -7.86 -26.37 -28.66
CA ALA B 104 -8.05 -27.42 -27.66
C ALA B 104 -7.64 -26.88 -26.30
N ALA B 105 -8.39 -27.23 -25.27
CA ALA B 105 -8.19 -26.63 -23.95
C ALA B 105 -8.63 -27.61 -22.90
N ASN B 106 -7.95 -27.57 -21.75
CA ASN B 106 -8.31 -28.42 -20.61
C ASN B 106 -9.11 -27.64 -19.57
N TYR B 107 -10.42 -27.86 -19.59
CA TYR B 107 -11.35 -27.15 -18.73
C TYR B 107 -11.78 -27.96 -17.52
N ARG B 108 -11.27 -29.19 -17.34
CA ARG B 108 -11.58 -29.92 -16.09
C ARG B 108 -10.87 -29.23 -14.96
N ALA B 109 -11.59 -29.07 -13.85
CA ALA B 109 -11.14 -28.30 -12.71
C ALA B 109 -10.77 -29.23 -11.55
N ALA B 110 -9.79 -28.81 -10.76
CA ALA B 110 -9.56 -29.39 -9.44
C ALA B 110 -10.22 -28.41 -8.48
N PRO B 111 -11.48 -28.67 -8.12
CA PRO B 111 -12.20 -27.68 -7.34
C PRO B 111 -11.39 -27.20 -6.14
N LEU B 112 -11.35 -25.89 -5.96
CA LEU B 112 -10.98 -25.35 -4.68
C LEU B 112 -12.12 -25.59 -3.70
N CYS B 113 -11.80 -25.60 -2.42
CA CYS B 113 -12.84 -25.30 -1.43
C CYS B 113 -12.31 -24.49 -0.26
N ASN B 114 -13.11 -24.48 0.81
CA ASN B 114 -12.63 -24.59 2.11
C ASN B 114 -13.45 -24.25 3.31
N PRO B 128 -15.98 -36.36 -13.16
CA PRO B 128 -15.95 -37.27 -14.29
C PRO B 128 -14.79 -38.24 -14.22
N GLY B 129 -13.59 -37.72 -14.00
CA GLY B 129 -12.42 -38.52 -14.11
C GLY B 129 -11.97 -39.10 -12.77
N GLU B 130 -10.75 -39.60 -12.83
CA GLU B 130 -9.73 -39.35 -11.82
C GLU B 130 -9.98 -38.06 -11.02
N LYS B 131 -10.00 -38.21 -9.72
CA LYS B 131 -10.58 -37.23 -8.80
C LYS B 131 -9.50 -36.38 -8.16
N VAL B 132 -9.50 -35.09 -8.45
CA VAL B 132 -8.58 -34.15 -7.83
C VAL B 132 -9.31 -32.90 -7.35
N ALA B 133 -8.88 -32.41 -6.20
CA ALA B 133 -9.36 -31.16 -5.65
C ALA B 133 -8.16 -30.42 -5.09
N LYS B 134 -8.41 -29.20 -4.65
CA LYS B 134 -7.37 -28.29 -4.24
C LYS B 134 -7.75 -27.67 -2.91
N VAL B 135 -6.76 -27.55 -2.04
CA VAL B 135 -6.97 -26.95 -0.73
C VAL B 135 -5.84 -25.99 -0.43
N LYS B 136 -6.22 -24.76 -0.11
CA LYS B 136 -5.27 -23.78 0.37
C LYS B 136 -4.96 -24.09 1.84
N VAL B 137 -3.69 -24.36 2.16
CA VAL B 137 -3.24 -24.53 3.54
C VAL B 137 -2.32 -23.38 3.95
N GLY B 138 -1.95 -23.33 5.22
CA GLY B 138 -1.02 -22.31 5.70
C GLY B 138 -1.57 -20.94 6.05
N LEU B 139 -2.86 -20.69 5.84
CA LEU B 139 -3.45 -19.39 6.20
C LEU B 139 -3.77 -19.46 7.68
N TYR B 140 -4.23 -20.66 8.07
CA TYR B 140 -4.70 -20.99 9.40
C TYR B 140 -3.65 -21.69 10.24
N GLU B 141 -4.02 -21.94 11.50
CA GLU B 141 -3.29 -22.88 12.32
C GLU B 141 -3.20 -24.21 11.60
N ALA B 142 -2.00 -24.76 11.56
CA ALA B 142 -1.70 -26.01 10.84
C ALA B 142 -2.76 -27.08 11.12
N VAL B 143 -3.23 -27.09 12.36
CA VAL B 143 -4.25 -28.04 12.84
C VAL B 143 -5.53 -28.05 12.02
N ARG B 144 -5.95 -26.89 11.54
CA ARG B 144 -7.21 -26.79 10.79
C ARG B 144 -7.08 -27.41 9.42
N ASP B 145 -5.90 -27.25 8.84
CA ASP B 145 -5.63 -27.69 7.50
C ASP B 145 -5.49 -29.19 7.41
N GLY B 146 -4.64 -29.77 8.26
CA GLY B 146 -4.39 -31.22 8.28
C GLY B 146 -5.61 -32.04 8.64
N MET B 147 -6.43 -31.46 9.51
CA MET B 147 -7.72 -31.99 9.86
C MET B 147 -8.70 -31.99 8.67
N VAL B 148 -8.79 -30.83 8.00
CA VAL B 148 -9.63 -30.72 6.82
C VAL B 148 -9.11 -31.62 5.70
N VAL B 149 -7.80 -31.67 5.51
CA VAL B 149 -7.18 -32.60 4.56
C VAL B 149 -7.51 -34.05 4.90
N ASN B 150 -7.30 -34.45 6.15
CA ASN B 150 -7.60 -35.83 6.50
C ASN B 150 -9.05 -36.17 6.26
N LEU B 151 -9.94 -35.26 6.68
CA LEU B 151 -11.37 -35.43 6.50
C LEU B 151 -11.71 -35.76 5.05
N LEU B 152 -11.15 -34.96 4.15
CA LEU B 152 -11.44 -35.06 2.72
C LEU B 152 -10.97 -36.38 2.13
N LEU B 153 -9.76 -36.80 2.47
CA LEU B 153 -9.19 -38.02 1.93
C LEU B 153 -9.91 -39.25 2.53
N GLU B 154 -10.46 -39.09 3.73
CA GLU B 154 -11.18 -40.16 4.39
C GLU B 154 -12.52 -40.42 3.70
N ALA B 155 -13.26 -39.35 3.47
CA ALA B 155 -14.58 -39.41 2.85
C ALA B 155 -14.58 -39.90 1.40
N ILE B 156 -13.55 -39.55 0.64
CA ILE B 156 -13.46 -39.93 -0.78
C ILE B 156 -12.17 -40.75 -1.02
N PRO B 157 -12.25 -42.07 -0.87
CA PRO B 157 -11.07 -42.95 -0.92
C PRO B 157 -10.25 -42.95 -2.21
N ASP B 158 -10.74 -42.31 -3.26
CA ASP B 158 -10.00 -42.20 -4.51
C ASP B 158 -9.68 -40.74 -4.88
N LEU B 159 -10.05 -39.80 -4.01
CA LEU B 159 -9.65 -38.39 -4.15
C LEU B 159 -8.14 -38.25 -4.12
N HIS B 160 -7.61 -37.38 -4.97
CA HIS B 160 -6.22 -36.95 -4.85
C HIS B 160 -6.24 -35.46 -4.59
N LEU B 161 -5.38 -35.00 -3.68
CA LEU B 161 -5.39 -33.60 -3.27
C LEU B 161 -4.13 -32.82 -3.62
N ARG B 162 -4.33 -31.59 -4.06
CA ARG B 162 -3.26 -30.60 -4.26
C ARG B 162 -3.37 -29.56 -3.16
N LEU B 163 -2.29 -29.37 -2.42
CA LEU B 163 -2.27 -28.39 -1.32
C LEU B 163 -1.32 -27.25 -1.61
N ASP B 164 -1.77 -26.03 -1.33
CA ASP B 164 -0.94 -24.83 -1.53
C ASP B 164 -0.63 -24.12 -0.21
N ALA B 165 0.63 -24.17 0.20
CA ALA B 165 1.05 -23.58 1.48
C ALA B 165 1.62 -22.15 1.35
N ASN B 166 2.24 -21.87 0.21
CA ASN B 166 2.82 -20.55 -0.05
C ASN B 166 3.88 -20.18 1.03
N ARG B 167 4.66 -21.18 1.44
CA ARG B 167 5.72 -21.04 2.45
C ARG B 167 5.21 -20.59 3.80
N ALA B 168 4.16 -21.21 4.30
CA ALA B 168 3.50 -20.68 5.51
C ALA B 168 4.05 -21.23 6.84
N TRP B 169 4.90 -22.26 6.79
CA TRP B 169 5.21 -22.99 8.02
C TRP B 169 6.66 -22.99 8.45
N THR B 170 6.88 -22.85 9.76
CA THR B 170 8.15 -23.21 10.37
C THR B 170 8.16 -24.71 10.33
N PRO B 171 9.33 -25.34 10.50
CA PRO B 171 9.31 -26.82 10.50
C PRO B 171 8.32 -27.43 11.52
N LEU B 172 8.13 -26.75 12.65
CA LEU B 172 7.24 -27.19 13.72
C LEU B 172 5.78 -27.19 13.28
N LYS B 173 5.37 -26.14 12.59
CA LYS B 173 4.02 -26.05 12.02
C LYS B 173 3.81 -27.11 10.95
N GLY B 174 4.79 -27.31 10.08
CA GLY B 174 4.70 -28.34 9.07
C GLY B 174 4.43 -29.68 9.72
N GLN B 175 5.17 -29.95 10.78
CA GLN B 175 5.01 -31.18 11.55
C GLN B 175 3.63 -31.29 12.23
N GLN B 176 3.20 -30.20 12.87
CA GLN B 176 1.85 -30.07 13.45
C GLN B 176 0.71 -30.31 12.47
N PHE B 177 0.89 -29.92 11.20
CA PHE B 177 -0.16 -30.12 10.19
C PHE B 177 -0.29 -31.61 9.80
N ALA B 178 0.85 -32.24 9.52
CA ALA B 178 0.90 -33.62 9.09
C ALA B 178 0.42 -34.59 10.19
N LYS B 179 0.46 -34.11 11.43
CA LYS B 179 -0.05 -34.80 12.63
C LYS B 179 -1.45 -35.36 12.44
N TYR B 180 -2.26 -34.64 11.67
CA TYR B 180 -3.67 -34.95 11.50
C TYR B 180 -3.94 -35.81 10.26
N VAL B 181 -2.95 -35.99 9.40
CA VAL B 181 -3.19 -36.69 8.13
C VAL B 181 -2.72 -38.13 8.28
N ASN B 182 -3.65 -39.06 8.05
CA ASN B 182 -3.42 -40.48 8.16
C ASN B 182 -2.29 -40.87 7.21
N PRO B 183 -1.15 -41.38 7.74
CA PRO B 183 -0.07 -41.83 6.85
C PRO B 183 -0.51 -42.68 5.68
N ASP B 184 -1.61 -43.41 5.86
CA ASP B 184 -2.08 -44.34 4.85
C ASP B 184 -2.87 -43.65 3.75
N TYR B 185 -3.30 -42.40 3.97
CA TYR B 185 -3.89 -41.56 2.92
C TYR B 185 -2.89 -40.63 2.25
N ARG B 186 -1.69 -40.50 2.82
CA ARG B 186 -0.72 -39.50 2.38
C ARG B 186 -0.25 -39.59 0.94
N ASP B 187 -0.15 -40.81 0.40
CA ASP B 187 0.23 -41.00 -1.00
C ASP B 187 -0.80 -40.41 -2.00
N ARG B 188 -2.01 -40.07 -1.52
CA ARG B 188 -3.04 -39.40 -2.35
C ARG B 188 -2.98 -37.87 -2.30
N ILE B 189 -2.05 -37.33 -1.52
CA ILE B 189 -1.68 -35.92 -1.64
C ILE B 189 -0.70 -35.88 -2.80
N ALA B 190 -1.19 -35.41 -3.95
CA ALA B 190 -0.40 -35.39 -5.19
C ALA B 190 0.81 -34.47 -5.01
N PHE B 191 0.58 -33.33 -4.35
CA PHE B 191 1.69 -32.51 -3.84
C PHE B 191 1.25 -31.50 -2.81
N LEU B 192 2.17 -31.19 -1.90
CA LEU B 192 2.07 -30.01 -1.06
C LEU B 192 3.13 -29.01 -1.57
N ALA B 193 2.64 -27.84 -1.98
CA ALA B 193 3.45 -26.78 -2.57
C ALA B 193 4.02 -25.89 -1.49
N GLU B 194 5.35 -25.78 -1.47
CA GLU B 194 6.05 -24.80 -0.64
C GLU B 194 5.64 -24.82 0.83
N PRO B 195 5.77 -25.98 1.49
CA PRO B 195 5.35 -26.06 2.90
C PRO B 195 5.98 -25.00 3.81
N CYS B 196 7.28 -24.81 3.68
CA CYS B 196 8.04 -24.07 4.68
C CYS B 196 8.69 -22.79 4.13
N LYS B 197 9.37 -22.05 5.02
CA LYS B 197 9.93 -20.74 4.71
C LYS B 197 11.18 -20.88 3.83
N THR B 198 11.91 -21.98 4.02
CA THR B 198 13.11 -22.31 3.26
C THR B 198 13.01 -23.68 2.55
N ARG B 199 13.75 -23.83 1.48
CA ARG B 199 13.62 -25.00 0.65
C ARG B 199 14.15 -26.22 1.36
N ASP B 200 15.23 -26.04 2.10
CA ASP B 200 15.83 -27.09 2.92
C ASP B 200 14.81 -27.63 3.92
N ASP B 201 14.04 -26.73 4.55
CA ASP B 201 12.98 -27.15 5.47
C ASP B 201 11.84 -27.89 4.76
N SER B 202 11.41 -27.40 3.61
CA SER B 202 10.45 -28.11 2.76
C SER B 202 10.91 -29.51 2.37
N ARG B 203 12.16 -29.63 1.97
CA ARG B 203 12.71 -30.96 1.68
C ARG B 203 12.71 -31.88 2.93
N ALA B 204 13.05 -31.32 4.08
CA ALA B 204 13.07 -32.08 5.32
C ALA B 204 11.66 -32.52 5.71
N PHE B 205 10.71 -31.62 5.60
CA PHE B 205 9.31 -31.96 5.71
C PHE B 205 8.88 -33.14 4.77
N ALA B 206 9.22 -33.07 3.49
CA ALA B 206 8.99 -34.21 2.58
C ALA B 206 9.59 -35.52 3.12
N ARG B 207 10.81 -35.47 3.66
CA ARG B 207 11.52 -36.65 4.16
C ARG B 207 10.82 -37.27 5.40
N GLU B 208 10.50 -36.42 6.37
CA GLU B 208 9.89 -36.87 7.62
C GLU B 208 8.48 -37.36 7.45
N THR B 209 7.73 -36.72 6.59
CA THR B 209 6.29 -36.95 6.55
C THR B 209 5.84 -37.88 5.45
N GLY B 210 6.74 -38.25 4.54
CA GLY B 210 6.34 -38.93 3.30
C GLY B 210 5.35 -38.17 2.39
N ILE B 211 5.15 -36.87 2.64
CA ILE B 211 4.23 -36.08 1.83
C ILE B 211 5.00 -35.37 0.70
N ALA B 212 4.61 -35.66 -0.54
CA ALA B 212 5.23 -35.10 -1.75
C ALA B 212 5.06 -33.59 -1.80
N ILE B 213 6.13 -32.89 -2.17
CA ILE B 213 6.12 -31.45 -2.29
C ILE B 213 6.25 -30.94 -3.72
N ALA B 214 5.81 -29.69 -3.88
CA ALA B 214 5.98 -28.95 -5.12
C ALA B 214 6.77 -27.69 -4.84
N TRP B 215 7.45 -27.19 -5.86
CA TRP B 215 7.96 -25.81 -5.85
C TRP B 215 6.99 -24.85 -6.56
N ASP B 216 6.94 -23.61 -6.11
CA ASP B 216 6.03 -22.62 -6.69
C ASP B 216 6.74 -21.26 -6.70
N GLU B 217 6.70 -20.55 -5.58
CA GLU B 217 7.37 -19.27 -5.51
C GLU B 217 8.89 -19.41 -5.77
N SER B 218 9.45 -20.58 -5.45
CA SER B 218 10.84 -20.92 -5.73
C SER B 218 11.25 -20.68 -7.16
N LEU B 219 10.40 -21.11 -8.09
CA LEU B 219 10.64 -21.02 -9.54
C LEU B 219 10.80 -19.58 -10.05
N ARG B 220 10.25 -18.63 -9.30
CA ARG B 220 10.23 -17.22 -9.68
C ARG B 220 11.24 -16.38 -8.91
N GLU B 221 12.11 -17.06 -8.16
CA GLU B 221 13.23 -16.42 -7.51
C GLU B 221 14.44 -16.69 -8.39
N PRO B 222 15.48 -15.83 -8.32
CA PRO B 222 16.56 -15.93 -9.31
C PRO B 222 17.47 -17.11 -9.02
N ASP B 223 17.98 -17.75 -10.06
CA ASP B 223 18.86 -18.92 -9.87
C ASP B 223 18.15 -20.09 -9.21
N PHE B 224 16.93 -20.38 -9.67
CA PHE B 224 16.29 -21.67 -9.41
C PHE B 224 16.80 -22.68 -10.41
N ALA B 225 17.17 -23.85 -9.92
CA ALA B 225 17.64 -24.94 -10.77
C ALA B 225 16.68 -26.12 -10.70
N PHE B 226 16.27 -26.63 -11.88
CA PHE B 226 15.54 -27.88 -11.97
C PHE B 226 16.54 -28.98 -11.70
N VAL B 227 16.41 -29.58 -10.52
CA VAL B 227 17.32 -30.60 -10.03
C VAL B 227 16.50 -31.70 -9.38
N ALA B 228 16.97 -32.94 -9.53
CA ALA B 228 16.32 -34.10 -8.91
C ALA B 228 16.45 -33.96 -7.41
N GLU B 229 15.31 -34.01 -6.72
CA GLU B 229 15.27 -33.90 -5.28
C GLU B 229 14.37 -35.02 -4.78
N GLU B 230 14.83 -35.74 -3.76
CA GLU B 230 13.99 -36.74 -3.11
C GLU B 230 12.81 -36.03 -2.44
N GLY B 231 11.59 -36.47 -2.74
CA GLY B 231 10.40 -35.89 -2.14
C GLY B 231 9.67 -34.89 -3.02
N VAL B 232 10.38 -34.26 -3.95
CA VAL B 232 9.76 -33.30 -4.86
C VAL B 232 9.18 -34.02 -6.05
N ARG B 233 7.91 -33.72 -6.33
CA ARG B 233 7.10 -34.44 -7.30
C ARG B 233 6.51 -33.52 -8.39
N ALA B 234 6.37 -32.24 -8.09
CA ALA B 234 5.74 -31.33 -9.00
C ALA B 234 6.32 -29.92 -8.86
N VAL B 235 6.00 -29.09 -9.85
CA VAL B 235 6.25 -27.65 -9.80
C VAL B 235 4.96 -26.97 -10.28
N VAL B 236 4.69 -25.80 -9.68
CA VAL B 236 3.51 -24.99 -10.00
C VAL B 236 3.95 -23.74 -10.77
N ILE B 237 3.52 -23.65 -12.03
CA ILE B 237 3.96 -22.61 -12.98
C ILE B 237 2.83 -21.59 -13.21
N LYS B 238 2.96 -20.39 -12.67
CA LYS B 238 2.00 -19.29 -12.88
C LYS B 238 2.51 -18.32 -13.95
N PRO B 239 2.03 -18.44 -15.21
CA PRO B 239 2.61 -17.70 -16.36
C PRO B 239 2.64 -16.17 -16.32
N THR B 240 1.65 -15.56 -15.68
CA THR B 240 1.55 -14.10 -15.58
C THR B 240 2.61 -13.53 -14.66
N LEU B 241 3.20 -14.43 -13.84
CA LEU B 241 4.27 -14.12 -12.90
C LEU B 241 5.63 -14.68 -13.34
N THR B 242 5.63 -15.48 -14.38
CA THR B 242 6.84 -16.10 -14.92
C THR B 242 7.41 -15.30 -16.09
N GLY B 243 6.53 -14.99 -17.04
CA GLY B 243 6.93 -14.36 -18.31
C GLY B 243 6.35 -15.10 -19.51
N SER B 244 7.16 -15.20 -20.56
CA SER B 244 6.64 -15.59 -21.84
C SER B 244 6.17 -17.03 -21.83
N LEU B 245 5.37 -17.32 -22.85
CA LEU B 245 4.85 -18.64 -23.13
C LEU B 245 6.01 -19.59 -23.48
N GLU B 246 7.05 -19.03 -24.05
CA GLU B 246 8.23 -19.77 -24.49
C GLU B 246 9.05 -20.23 -23.29
N LYS B 247 9.04 -19.39 -22.27
CA LYS B 247 9.76 -19.63 -21.03
C LYS B 247 9.00 -20.60 -20.12
N VAL B 248 7.70 -20.40 -20.03
CA VAL B 248 6.80 -21.37 -19.40
C VAL B 248 7.06 -22.80 -19.96
N ARG B 249 7.06 -22.92 -21.27
CA ARG B 249 7.38 -24.17 -21.97
C ARG B 249 8.72 -24.78 -21.56
N GLU B 250 9.78 -23.98 -21.69
CA GLU B 250 11.10 -24.23 -21.11
C GLU B 250 11.08 -24.96 -19.77
N GLN B 251 10.33 -24.37 -18.83
CA GLN B 251 10.16 -24.91 -17.49
C GLN B 251 9.39 -26.23 -17.48
N VAL B 252 8.32 -26.31 -18.26
CA VAL B 252 7.56 -27.55 -18.37
C VAL B 252 8.48 -28.67 -18.86
N GLN B 253 9.22 -28.41 -19.93
CA GLN B 253 10.08 -29.45 -20.52
C GLN B 253 11.14 -29.91 -19.52
N ALA B 254 11.61 -28.95 -18.71
CA ALA B 254 12.62 -29.20 -17.65
C ALA B 254 12.06 -30.10 -16.57
N ALA B 255 10.85 -29.75 -16.09
CA ALA B 255 10.14 -30.55 -15.13
C ALA B 255 9.98 -31.97 -15.67
N HIS B 256 9.26 -32.11 -16.78
CA HIS B 256 9.04 -33.41 -17.43
C HIS B 256 10.31 -34.24 -17.66
N ALA B 257 11.46 -33.58 -17.79
CA ALA B 257 12.74 -34.27 -17.96
C ALA B 257 13.20 -34.93 -16.67
N LEU B 258 12.86 -34.32 -15.53
CA LEU B 258 13.15 -34.86 -14.20
C LEU B 258 12.05 -35.75 -13.59
N GLY B 259 10.96 -35.93 -14.33
CA GLY B 259 9.86 -36.79 -13.90
C GLY B 259 8.78 -36.09 -13.12
N LEU B 260 8.84 -34.76 -13.08
CA LEU B 260 7.93 -34.00 -12.25
C LEU B 260 6.65 -33.64 -13.00
N THR B 261 5.63 -33.29 -12.24
CA THR B 261 4.37 -32.80 -12.77
C THR B 261 4.47 -31.27 -12.84
N ALA B 262 4.11 -30.75 -14.02
CA ALA B 262 4.05 -29.34 -14.21
C ALA B 262 2.56 -28.96 -14.24
N VAL B 263 2.15 -28.12 -13.31
CA VAL B 263 0.81 -27.59 -13.27
C VAL B 263 0.83 -26.14 -13.77
N ILE B 264 0.19 -25.90 -14.91
CA ILE B 264 -0.06 -24.54 -15.37
C ILE B 264 -1.13 -23.97 -14.46
N SER B 265 -0.87 -22.80 -13.84
CA SER B 265 -1.78 -22.22 -12.82
C SER B 265 -2.18 -20.75 -13.01
N SER B 266 -3.30 -20.41 -12.36
CA SER B 266 -3.92 -19.09 -12.44
C SER B 266 -3.25 -18.08 -11.54
N SER B 267 -3.20 -16.85 -12.04
CA SER B 267 -2.77 -15.68 -11.32
C SER B 267 -4.00 -14.74 -11.22
N ILE B 268 -5.18 -15.35 -11.12
CA ILE B 268 -6.50 -14.66 -11.02
C ILE B 268 -6.73 -13.77 -12.24
N GLU B 269 -6.47 -14.35 -13.42
CA GLU B 269 -6.68 -13.69 -14.70
C GLU B 269 -8.15 -13.62 -14.98
N SER B 270 -8.57 -12.65 -15.80
CA SER B 270 -9.93 -12.64 -16.34
C SER B 270 -10.14 -13.90 -17.17
N SER B 271 -11.39 -14.12 -17.56
CA SER B 271 -11.78 -15.25 -18.38
C SER B 271 -10.91 -15.45 -19.62
N LEU B 272 -10.53 -14.37 -20.29
CA LEU B 272 -9.69 -14.44 -21.52
C LEU B 272 -8.36 -15.16 -21.27
N GLY B 273 -7.61 -14.68 -20.27
CA GLY B 273 -6.37 -15.29 -19.83
C GLY B 273 -6.52 -16.70 -19.29
N LEU B 274 -7.53 -16.94 -18.45
CA LEU B 274 -7.82 -18.31 -18.00
C LEU B 274 -8.05 -19.32 -19.17
N THR B 275 -8.78 -18.91 -20.21
CA THR B 275 -9.02 -19.79 -21.38
C THR B 275 -7.74 -20.09 -22.17
N GLN B 276 -6.85 -19.09 -22.29
CA GLN B 276 -5.52 -19.29 -22.91
C GLN B 276 -4.60 -20.19 -22.07
N LEU B 277 -4.72 -20.08 -20.74
CA LEU B 277 -4.00 -20.97 -19.79
C LEU B 277 -4.48 -22.39 -19.92
N ALA B 278 -5.80 -22.53 -19.91
CA ALA B 278 -6.45 -23.80 -20.23
C ALA B 278 -5.91 -24.38 -21.55
N ARG B 279 -5.68 -23.54 -22.56
CA ARG B 279 -5.12 -24.01 -23.85
C ARG B 279 -3.64 -24.36 -23.82
N ILE B 280 -2.85 -23.56 -23.11
CA ILE B 280 -1.45 -23.86 -22.82
C ILE B 280 -1.34 -25.16 -22.03
N ALA B 281 -2.28 -25.39 -21.12
CA ALA B 281 -2.30 -26.66 -20.39
C ALA B 281 -2.40 -27.85 -21.33
N ALA B 282 -3.50 -27.93 -22.10
CA ALA B 282 -3.71 -29.03 -23.05
C ALA B 282 -2.52 -29.22 -24.00
N TRP B 283 -1.91 -28.10 -24.41
CA TRP B 283 -0.73 -28.15 -25.29
C TRP B 283 0.56 -28.65 -24.61
N LEU B 284 0.88 -28.05 -23.47
CA LEU B 284 2.16 -28.32 -22.78
C LEU B 284 2.05 -29.44 -21.75
N THR B 285 0.96 -29.46 -20.98
CA THR B 285 0.76 -30.43 -19.88
C THR B 285 -0.52 -31.22 -20.13
N PRO B 286 -0.55 -31.96 -21.25
CA PRO B 286 -1.80 -32.51 -21.80
C PRO B 286 -2.59 -33.34 -20.80
N ASP B 287 -1.93 -34.27 -20.12
CA ASP B 287 -2.61 -35.11 -19.14
C ASP B 287 -2.59 -34.54 -17.70
N THR B 288 -2.30 -33.23 -17.53
CA THR B 288 -2.31 -32.58 -16.21
C THR B 288 -3.36 -31.46 -16.08
N ILE B 289 -4.32 -31.65 -15.19
CA ILE B 289 -5.35 -30.65 -14.92
C ILE B 289 -4.70 -29.35 -14.46
N PRO B 290 -5.08 -28.21 -15.07
CA PRO B 290 -4.52 -26.94 -14.63
C PRO B 290 -5.22 -26.37 -13.41
N GLY B 291 -4.57 -25.44 -12.75
CA GLY B 291 -5.12 -24.85 -11.54
C GLY B 291 -5.73 -23.52 -11.87
N LEU B 292 -6.89 -23.57 -12.55
CA LEU B 292 -7.56 -22.38 -13.12
C LEU B 292 -8.91 -22.10 -12.52
N ASP B 293 -9.23 -22.76 -11.40
CA ASP B 293 -10.51 -22.59 -10.74
C ASP B 293 -10.53 -21.29 -9.95
N THR B 294 -10.40 -20.17 -10.66
CA THR B 294 -10.40 -18.84 -10.01
C THR B 294 -11.39 -17.83 -10.61
N LEU B 295 -12.12 -18.25 -11.66
CA LEU B 295 -13.11 -17.38 -12.30
C LEU B 295 -14.29 -17.03 -11.37
N ASP B 296 -14.68 -17.98 -10.50
CA ASP B 296 -15.85 -17.79 -9.63
C ASP B 296 -15.69 -16.70 -8.58
N LEU B 297 -14.46 -16.24 -8.34
CA LEU B 297 -14.19 -15.14 -7.41
C LEU B 297 -14.53 -13.81 -8.05
N MET B 298 -14.71 -13.82 -9.37
CA MET B 298 -14.98 -12.61 -10.15
C MET B 298 -16.47 -12.51 -10.47
N GLN B 299 -16.92 -11.29 -10.75
CA GLN B 299 -18.33 -11.03 -11.02
C GLN B 299 -18.69 -10.98 -12.50
N ALA B 300 -17.70 -11.10 -13.37
CA ALA B 300 -17.97 -11.10 -14.82
C ALA B 300 -16.84 -11.68 -15.64
N GLN B 301 -17.22 -12.26 -16.78
CA GLN B 301 -16.32 -12.65 -17.87
C GLN B 301 -16.08 -11.46 -18.81
N GLN B 302 -15.08 -11.58 -19.68
CA GLN B 302 -14.72 -10.57 -20.68
C GLN B 302 -14.13 -11.22 -21.93
N VAL B 303 -14.59 -10.77 -23.11
CA VAL B 303 -14.09 -11.18 -24.44
C VAL B 303 -14.30 -12.66 -24.71
N ARG B 304 -13.68 -13.52 -23.93
CA ARG B 304 -13.79 -14.95 -24.16
C ARG B 304 -14.49 -15.67 -23.03
N ARG B 305 -15.31 -16.66 -23.41
CA ARG B 305 -16.13 -17.40 -22.46
C ARG B 305 -15.36 -18.61 -21.95
N TRP B 306 -15.56 -18.86 -20.66
CA TRP B 306 -15.19 -20.12 -20.03
C TRP B 306 -16.41 -21.06 -20.13
N PRO B 307 -16.23 -22.30 -20.63
CA PRO B 307 -17.38 -23.15 -20.87
C PRO B 307 -18.06 -23.59 -19.57
N GLY B 308 -19.36 -23.36 -19.46
CA GLY B 308 -20.13 -23.74 -18.27
C GLY B 308 -20.40 -22.59 -17.31
N SER B 309 -19.56 -21.56 -17.34
CA SER B 309 -19.78 -20.42 -16.46
C SER B 309 -21.04 -19.68 -16.88
N THR B 310 -21.86 -19.30 -15.90
CA THR B 310 -23.01 -18.42 -16.16
C THR B 310 -22.79 -16.98 -15.71
N LEU B 311 -21.53 -16.59 -15.49
CA LEU B 311 -21.19 -15.20 -15.25
C LEU B 311 -21.50 -14.44 -16.55
N PRO B 312 -21.95 -13.18 -16.44
CA PRO B 312 -22.12 -12.40 -17.66
C PRO B 312 -20.80 -12.14 -18.36
N VAL B 313 -20.87 -11.76 -19.63
CA VAL B 313 -19.71 -11.55 -20.49
C VAL B 313 -19.70 -10.10 -20.91
N VAL B 314 -18.60 -9.40 -20.62
CA VAL B 314 -18.40 -8.05 -21.11
C VAL B 314 -17.81 -8.15 -22.52
N GLU B 315 -18.44 -7.45 -23.47
CA GLU B 315 -17.96 -7.45 -24.84
C GLU B 315 -16.85 -6.41 -25.01
N VAL B 316 -16.02 -6.62 -26.03
CA VAL B 316 -14.89 -5.73 -26.34
C VAL B 316 -15.35 -4.29 -26.55
N ASP B 317 -16.51 -4.15 -27.18
CA ASP B 317 -17.16 -2.84 -27.41
C ASP B 317 -17.24 -2.00 -26.12
N ALA B 318 -17.40 -2.67 -24.97
CA ALA B 318 -17.57 -2.01 -23.67
C ALA B 318 -16.27 -1.83 -22.89
N LEU B 319 -15.13 -2.10 -23.52
CA LEU B 319 -13.83 -1.99 -22.85
C LEU B 319 -13.19 -0.62 -23.12
N GLU B 320 -12.53 -0.07 -22.11
CA GLU B 320 -11.80 1.18 -22.32
C GLU B 320 -10.58 0.92 -23.17
N ARG B 321 -10.51 1.62 -24.29
CA ARG B 321 -9.41 1.51 -25.22
C ARG B 321 -8.35 2.58 -24.97
N LEU B 322 -7.11 2.15 -24.79
CA LEU B 322 -5.95 3.04 -24.57
C LEU B 322 -5.21 3.33 -25.88
N LEU B 323 -5.35 2.42 -26.83
CA LEU B 323 -4.70 2.52 -28.11
C LEU B 323 -5.67 2.02 -29.15
N MET C 4 -3.59 22.30 43.31
CA MET C 4 -3.23 22.89 41.99
C MET C 4 -2.95 21.77 41.01
N ARG C 5 -3.52 21.90 39.83
CA ARG C 5 -3.61 20.80 38.89
C ARG C 5 -2.62 20.96 37.75
N SER C 6 -2.11 19.82 37.30
CA SER C 6 -1.32 19.77 36.08
C SER C 6 -1.58 18.44 35.37
N ALA C 7 -1.41 18.43 34.05
CA ALA C 7 -1.65 17.22 33.23
C ALA C 7 -0.83 17.16 31.94
N GLN C 8 -0.35 15.97 31.61
CA GLN C 8 0.38 15.68 30.39
C GLN C 8 -0.48 14.77 29.52
N VAL C 9 -0.51 15.02 28.21
CA VAL C 9 -1.09 14.05 27.28
C VAL C 9 0.02 13.50 26.39
N TYR C 10 0.01 12.21 26.14
CA TYR C 10 1.04 11.59 25.31
C TYR C 10 0.44 10.94 24.08
N ARG C 11 1.25 10.83 23.03
CA ARG C 11 0.81 10.24 21.76
C ARG C 11 1.81 9.18 21.39
N TRP C 12 1.30 8.04 20.91
CA TRP C 12 2.16 6.91 20.65
C TRP C 12 1.58 5.96 19.63
N GLN C 13 2.48 5.16 19.06
CA GLN C 13 2.14 4.09 18.13
C GLN C 13 3.01 2.91 18.52
N ILE C 14 2.38 1.79 18.87
CA ILE C 14 3.08 0.57 19.23
C ILE C 14 3.03 -0.33 18.00
N PRO C 15 4.20 -0.78 17.50
CA PRO C 15 4.15 -1.71 16.39
C PRO C 15 3.47 -3.01 16.80
N MET C 16 2.60 -3.50 15.93
CA MET C 16 1.80 -4.69 16.19
C MET C 16 2.33 -5.88 15.40
N ASP C 17 2.10 -7.08 15.94
CA ASP C 17 2.44 -8.36 15.29
C ASP C 17 3.94 -8.54 15.04
N LEU C 27 -4.22 -4.62 11.22
CA LEU C 27 -3.40 -3.61 11.89
C LEU C 27 -1.90 -3.93 11.83
N LYS C 28 -1.10 -2.86 11.81
CA LYS C 28 0.37 -2.96 11.84
C LYS C 28 0.98 -1.97 12.86
N THR C 29 0.25 -0.90 13.16
CA THR C 29 0.57 -0.01 14.28
C THR C 29 -0.65 0.05 15.20
N ARG C 30 -0.42 0.23 16.51
CA ARG C 30 -1.51 0.47 17.45
C ARG C 30 -1.42 1.89 17.97
N ASP C 31 -2.40 2.68 17.59
CA ASP C 31 -2.34 4.10 17.77
C ASP C 31 -3.18 4.51 18.99
N GLY C 32 -2.56 5.22 19.91
CA GLY C 32 -3.24 5.60 21.14
C GLY C 32 -2.67 6.81 21.85
N LEU C 33 -3.27 7.12 22.99
CA LEU C 33 -2.88 8.28 23.77
C LEU C 33 -2.83 7.87 25.24
N TYR C 34 -2.25 8.76 26.05
CA TYR C 34 -2.23 8.58 27.49
C TYR C 34 -2.54 9.92 28.13
N VAL C 35 -3.21 9.89 29.27
CA VAL C 35 -3.36 11.08 30.09
C VAL C 35 -2.70 10.80 31.46
N CYS C 36 -1.88 11.75 31.92
CA CYS C 36 -1.37 11.73 33.28
C CYS C 36 -1.99 12.91 33.97
N LEU C 37 -2.81 12.65 34.98
CA LEU C 37 -3.37 13.71 35.82
C LEU C 37 -2.60 13.82 37.11
N ARG C 38 -2.31 15.05 37.51
CA ARG C 38 -1.55 15.31 38.72
C ARG C 38 -2.29 16.39 39.51
N GLU C 39 -2.69 16.05 40.73
CA GLU C 39 -3.35 17.01 41.62
C GLU C 39 -2.63 17.02 42.98
N GLY C 40 -1.86 18.07 43.21
CA GLY C 40 -0.94 18.14 44.34
C GLY C 40 0.14 17.09 44.18
N GLU C 41 0.34 16.29 45.24
CA GLU C 41 1.34 15.21 45.26
C GLU C 41 0.82 13.89 44.67
N ARG C 42 -0.44 13.87 44.24
CA ARG C 42 -1.10 12.68 43.69
C ARG C 42 -1.03 12.66 42.15
N GLU C 43 -0.88 11.45 41.60
CA GLU C 43 -0.75 11.21 40.15
C GLU C 43 -1.73 10.10 39.72
N GLY C 44 -2.47 10.33 38.63
CA GLY C 44 -3.33 9.29 38.03
C GLY C 44 -3.19 9.22 36.53
N TRP C 45 -3.10 7.99 36.01
CA TRP C 45 -2.91 7.75 34.59
C TRP C 45 -4.14 7.11 33.92
N GLY C 46 -4.28 7.34 32.62
CA GLY C 46 -5.32 6.68 31.82
C GLY C 46 -4.94 6.53 30.36
N GLU C 47 -5.43 5.48 29.72
CA GLU C 47 -5.26 5.26 28.29
C GLU C 47 -6.53 5.55 27.47
N ILE C 48 -6.34 6.31 26.40
CA ILE C 48 -7.39 6.65 25.44
C ILE C 48 -6.97 6.14 24.06
N SER C 49 -7.41 4.94 23.72
CA SER C 49 -7.08 4.31 22.46
C SER C 49 -8.33 3.75 21.81
N PRO C 50 -8.95 4.50 20.89
CA PRO C 50 -10.05 3.90 20.13
C PRO C 50 -9.52 2.79 19.23
N LEU C 51 -10.30 1.72 19.08
CA LEU C 51 -9.91 0.58 18.27
C LEU C 51 -10.61 0.70 16.92
N PRO C 52 -9.84 0.79 15.82
CA PRO C 52 -10.41 0.76 14.46
C PRO C 52 -11.32 -0.45 14.20
N GLY C 53 -12.47 -0.18 13.58
CA GLY C 53 -13.45 -1.21 13.25
C GLY C 53 -14.48 -1.45 14.35
N PHE C 54 -14.17 -0.99 15.57
CA PHE C 54 -15.04 -1.17 16.74
C PHE C 54 -15.49 0.17 17.32
N SER C 55 -14.52 1.03 17.61
CA SER C 55 -14.80 2.39 18.08
C SER C 55 -15.26 3.27 16.93
N GLN C 56 -16.43 3.87 17.09
CA GLN C 56 -16.92 4.91 16.15
C GLN C 56 -15.87 5.99 15.97
N GLU C 57 -15.51 6.64 17.07
CA GLU C 57 -14.53 7.73 17.05
C GLU C 57 -13.17 7.24 16.55
N THR C 58 -12.44 8.12 15.90
CA THR C 58 -11.10 7.81 15.43
C THR C 58 -10.10 8.35 16.43
N TRP C 59 -8.85 7.95 16.20
CA TRP C 59 -7.70 8.39 17.00
C TRP C 59 -7.65 9.91 17.14
N GLU C 60 -7.89 10.60 16.02
CA GLU C 60 -7.79 12.05 15.97
C GLU C 60 -8.97 12.77 16.67
N GLU C 61 -10.15 12.18 16.61
CA GLU C 61 -11.33 12.67 17.33
C GLU C 61 -11.16 12.57 18.85
N ALA C 62 -10.71 11.40 19.31
CA ALA C 62 -10.36 11.18 20.71
C ALA C 62 -9.31 12.18 21.16
N GLN C 63 -8.28 12.34 20.32
CA GLN C 63 -7.20 13.30 20.56
C GLN C 63 -7.75 14.69 20.82
N SER C 64 -8.61 15.16 19.92
CA SER C 64 -9.24 16.48 20.07
C SER C 64 -10.06 16.60 21.34
N VAL C 65 -10.96 15.64 21.55
CA VAL C 65 -11.83 15.60 22.74
C VAL C 65 -11.03 15.35 24.03
N LEU C 66 -9.88 14.68 23.94
CA LEU C 66 -9.04 14.43 25.12
C LEU C 66 -8.43 15.74 25.62
N LEU C 67 -7.82 16.46 24.68
CA LEU C 67 -7.18 17.73 24.97
C LEU C 67 -8.15 18.77 25.53
N ALA C 68 -9.33 18.87 24.92
CA ALA C 68 -10.36 19.80 25.41
C ALA C 68 -10.88 19.42 26.80
N TRP C 69 -10.82 18.13 27.14
CA TRP C 69 -11.27 17.67 28.45
C TRP C 69 -10.26 17.98 29.54
N VAL C 70 -9.01 17.59 29.29
CA VAL C 70 -7.89 17.82 30.23
C VAL C 70 -7.83 19.30 30.60
N ASN C 71 -7.86 20.13 29.54
CA ASN C 71 -8.06 21.58 29.62
C ASN C 71 -9.09 22.06 30.65
N ASN C 72 -10.30 21.49 30.56
CA ASN C 72 -11.41 21.87 31.44
C ASN C 72 -11.26 21.35 32.86
N TRP C 73 -10.68 20.18 32.99
CA TRP C 73 -10.36 19.62 34.29
C TRP C 73 -9.31 20.46 35.00
N LEU C 74 -8.29 20.94 34.26
CA LEU C 74 -7.32 21.89 34.82
C LEU C 74 -8.02 23.13 35.39
N ALA C 75 -9.14 23.51 34.77
CA ALA C 75 -10.01 24.58 35.29
C ALA C 75 -10.97 24.13 36.39
N GLY C 76 -10.94 22.84 36.73
CA GLY C 76 -11.76 22.29 37.83
C GLY C 76 -12.95 21.42 37.43
N ASP C 77 -13.40 21.52 36.17
CA ASP C 77 -14.56 20.75 35.69
C ASP C 77 -14.21 19.31 35.36
N CYS C 78 -14.72 18.36 36.15
CA CYS C 78 -14.49 16.93 35.89
C CYS C 78 -15.60 16.25 35.08
N GLU C 79 -16.64 17.00 34.68
N GLU C 79 -16.64 16.98 34.69
CA GLU C 79 -17.68 16.50 33.76
CA GLU C 79 -17.72 16.39 33.91
C GLU C 79 -17.06 15.66 32.67
C GLU C 79 -17.12 15.66 32.70
N LEU C 80 -17.44 14.38 32.61
CA LEU C 80 -16.84 13.47 31.65
C LEU C 80 -17.38 13.64 30.24
N PRO C 81 -16.56 13.33 29.24
CA PRO C 81 -17.06 13.42 27.87
C PRO C 81 -17.85 12.16 27.53
N GLN C 82 -18.60 12.19 26.43
CA GLN C 82 -19.42 11.05 26.05
C GLN C 82 -18.64 10.05 25.18
N MET C 83 -17.63 10.54 24.49
CA MET C 83 -16.81 9.73 23.60
C MET C 83 -16.15 8.59 24.38
N PRO C 84 -16.60 7.34 24.16
CA PRO C 84 -16.24 6.22 25.05
C PRO C 84 -14.74 6.02 25.28
N SER C 85 -13.91 6.10 24.25
CA SER C 85 -12.45 5.95 24.47
C SER C 85 -11.96 6.96 25.52
N VAL C 86 -12.42 8.21 25.41
CA VAL C 86 -11.92 9.30 26.28
C VAL C 86 -12.47 9.20 27.68
N ALA C 87 -13.80 9.09 27.79
CA ALA C 87 -14.46 8.93 29.09
C ALA C 87 -13.88 7.76 29.89
N PHE C 88 -13.40 6.75 29.19
CA PHE C 88 -12.78 5.60 29.84
C PHE C 88 -11.39 5.89 30.44
N GLY C 89 -10.49 6.41 29.59
CA GLY C 89 -9.14 6.77 30.03
C GLY C 89 -9.18 7.85 31.10
N VAL C 90 -10.01 8.85 30.89
CA VAL C 90 -10.15 9.95 31.86
C VAL C 90 -10.68 9.43 33.21
N SER C 91 -11.63 8.51 33.19
CA SER C 91 -12.22 8.02 34.45
C SER C 91 -11.20 7.19 35.27
N CYS C 92 -10.30 6.50 34.56
CA CYS C 92 -9.22 5.75 35.19
C CYS C 92 -8.22 6.63 35.86
N ALA C 93 -7.77 7.66 35.14
CA ALA C 93 -6.87 8.63 35.73
C ALA C 93 -7.51 9.28 36.96
N LEU C 94 -8.82 9.50 36.91
CA LEU C 94 -9.53 10.12 38.03
C LEU C 94 -9.66 9.16 39.20
N ALA C 95 -10.01 7.93 38.91
CA ALA C 95 -10.01 6.83 39.89
C ALA C 95 -8.64 6.69 40.57
N GLU C 96 -7.58 6.67 39.80
CA GLU C 96 -6.21 6.63 40.34
C GLU C 96 -5.85 7.83 41.21
N LEU C 97 -6.20 9.03 40.77
CA LEU C 97 -5.95 10.24 41.57
C LEU C 97 -6.56 10.10 42.96
N THR C 98 -7.82 9.65 43.01
CA THR C 98 -8.58 9.51 44.26
C THR C 98 -8.31 8.23 45.03
N ASP C 99 -7.48 7.34 44.49
CA ASP C 99 -7.12 6.11 45.18
C ASP C 99 -8.35 5.19 45.28
N THR C 100 -9.26 5.33 44.31
CA THR C 100 -10.53 4.58 44.28
C THR C 100 -10.46 3.39 43.33
N LEU C 101 -9.63 3.48 42.30
CA LEU C 101 -9.25 2.31 41.52
C LEU C 101 -8.17 1.55 42.30
N PRO C 102 -8.47 0.32 42.74
CA PRO C 102 -7.59 -0.37 43.66
C PRO C 102 -6.47 -1.14 42.99
N GLN C 103 -5.36 -1.29 43.72
CA GLN C 103 -4.09 -1.80 43.16
C GLN C 103 -4.08 -3.30 42.97
N ALA C 104 -4.86 -4.00 43.79
CA ALA C 104 -5.27 -5.37 43.52
C ALA C 104 -5.60 -5.55 42.04
N ALA C 105 -4.84 -6.43 41.38
CA ALA C 105 -5.17 -6.85 40.04
C ALA C 105 -5.24 -8.37 39.95
N ASN C 106 -6.21 -8.83 39.16
CA ASN C 106 -6.22 -10.18 38.68
C ASN C 106 -5.43 -10.28 37.38
N TYR C 107 -4.33 -11.02 37.43
CA TYR C 107 -3.43 -11.24 36.30
C TYR C 107 -3.60 -12.62 35.65
N ARG C 108 -4.51 -13.43 36.19
CA ARG C 108 -4.84 -14.72 35.61
C ARG C 108 -5.28 -14.54 34.18
N ALA C 109 -4.75 -15.37 33.30
CA ALA C 109 -5.07 -15.32 31.88
C ALA C 109 -6.02 -16.45 31.49
N ALA C 110 -7.01 -16.12 30.67
CA ALA C 110 -7.70 -17.12 29.87
C ALA C 110 -6.96 -17.12 28.54
N PRO C 111 -6.01 -18.06 28.35
CA PRO C 111 -5.06 -17.86 27.26
C PRO C 111 -5.70 -17.90 25.89
N LEU C 112 -5.18 -17.06 24.99
CA LEU C 112 -5.70 -16.95 23.63
C LEU C 112 -4.89 -17.87 22.71
N CYS C 113 -5.57 -18.73 21.96
CA CYS C 113 -4.88 -19.75 21.16
C CYS C 113 -5.72 -20.34 20.02
N ASN C 114 -5.13 -21.33 19.34
CA ASN C 114 -5.80 -22.12 18.31
C ASN C 114 -5.57 -23.61 18.51
N GLU C 130 -10.15 -24.21 37.62
CA GLU C 130 -10.71 -24.06 36.28
C GLU C 130 -9.65 -23.97 35.20
N LYS C 131 -9.76 -24.82 34.18
CA LYS C 131 -8.98 -24.67 32.95
C LYS C 131 -9.86 -24.00 31.90
N VAL C 132 -9.45 -22.82 31.44
CA VAL C 132 -10.30 -21.97 30.60
C VAL C 132 -9.46 -21.13 29.62
N ALA C 133 -9.82 -21.19 28.34
CA ALA C 133 -9.05 -20.55 27.27
C ALA C 133 -9.96 -19.75 26.36
N LYS C 134 -9.35 -19.01 25.42
CA LYS C 134 -10.08 -18.21 24.44
C LYS C 134 -9.72 -18.54 22.99
N VAL C 135 -10.74 -18.82 22.18
CA VAL C 135 -10.57 -19.00 20.74
C VAL C 135 -11.42 -17.97 20.00
N LYS C 136 -10.83 -17.38 18.98
CA LYS C 136 -11.49 -16.40 18.13
C LYS C 136 -12.02 -17.12 16.90
N VAL C 137 -13.32 -16.95 16.67
CA VAL C 137 -14.02 -17.65 15.59
C VAL C 137 -14.54 -16.63 14.60
N GLY C 138 -15.01 -17.11 13.46
CA GLY C 138 -15.66 -16.26 12.47
C GLY C 138 -14.78 -15.21 11.82
N LEU C 139 -13.49 -15.51 11.65
CA LEU C 139 -12.60 -14.63 10.88
C LEU C 139 -12.49 -15.19 9.48
N TYR C 140 -12.03 -16.43 9.39
CA TYR C 140 -12.12 -17.22 8.17
C TYR C 140 -13.23 -18.28 8.32
N GLU C 141 -13.13 -19.43 7.64
CA GLU C 141 -14.33 -20.28 7.41
C GLU C 141 -14.73 -21.24 8.57
N ALA C 142 -16.04 -21.24 8.85
CA ALA C 142 -16.66 -21.81 10.06
C ALA C 142 -16.44 -23.31 10.31
N VAL C 143 -16.56 -24.12 9.26
CA VAL C 143 -16.35 -25.57 9.34
C VAL C 143 -15.07 -25.90 10.12
N ARG C 144 -14.02 -25.13 9.83
CA ARG C 144 -12.72 -25.33 10.44
C ARG C 144 -12.61 -24.71 11.85
N ASP C 145 -13.36 -23.64 12.09
CA ASP C 145 -13.56 -23.11 13.45
C ASP C 145 -14.13 -24.22 14.33
N GLY C 146 -15.08 -24.96 13.78
CA GLY C 146 -15.71 -26.07 14.49
C GLY C 146 -14.75 -27.21 14.79
N MET C 147 -13.80 -27.44 13.88
CA MET C 147 -12.88 -28.57 13.98
C MET C 147 -11.76 -28.35 14.98
N VAL C 148 -11.36 -27.10 15.19
CA VAL C 148 -10.34 -26.79 16.20
C VAL C 148 -10.94 -26.81 17.59
N VAL C 149 -12.23 -26.50 17.70
CA VAL C 149 -12.90 -26.44 19.00
C VAL C 149 -13.12 -27.84 19.59
N ASN C 150 -13.64 -28.78 18.79
CA ASN C 150 -13.81 -30.14 19.32
C ASN C 150 -12.46 -30.70 19.77
N LEU C 151 -11.41 -30.51 18.97
CA LEU C 151 -10.08 -31.08 19.25
C LEU C 151 -9.40 -30.45 20.50
N LEU C 152 -9.57 -29.15 20.70
CA LEU C 152 -9.10 -28.52 21.95
C LEU C 152 -9.82 -29.17 23.14
N LEU C 153 -11.15 -29.20 23.04
CA LEU C 153 -12.01 -29.79 24.07
C LEU C 153 -11.72 -31.28 24.24
N GLU C 154 -11.48 -31.96 23.11
CA GLU C 154 -11.08 -33.37 23.12
C GLU C 154 -9.80 -33.58 23.91
N ALA C 155 -8.76 -32.89 23.49
CA ALA C 155 -7.41 -33.09 24.03
C ALA C 155 -7.27 -32.75 25.52
N ILE C 156 -8.15 -31.90 26.04
CA ILE C 156 -8.06 -31.40 27.41
C ILE C 156 -9.44 -31.44 28.08
N PRO C 157 -9.74 -32.57 28.78
CA PRO C 157 -11.11 -32.81 29.29
C PRO C 157 -11.59 -31.82 30.34
N ASP C 158 -10.66 -31.19 31.07
CA ASP C 158 -11.01 -30.22 32.11
C ASP C 158 -11.13 -28.77 31.59
N LEU C 159 -10.89 -28.58 30.29
CA LEU C 159 -10.92 -27.24 29.69
C LEU C 159 -12.33 -26.74 29.39
N HIS C 160 -12.55 -25.46 29.66
CA HIS C 160 -13.75 -24.75 29.24
C HIS C 160 -13.36 -23.61 28.30
N LEU C 161 -14.08 -23.46 27.17
CA LEU C 161 -13.68 -22.49 26.14
C LEU C 161 -14.58 -21.24 26.03
N ARG C 162 -13.94 -20.07 25.95
CA ARG C 162 -14.61 -18.81 25.58
C ARG C 162 -14.38 -18.53 24.11
N LEU C 163 -15.45 -18.38 23.34
CA LEU C 163 -15.33 -18.15 21.90
C LEU C 163 -15.82 -16.75 21.52
N ASP C 164 -15.10 -16.07 20.62
CA ASP C 164 -15.53 -14.74 20.13
C ASP C 164 -15.71 -14.76 18.61
N ALA C 165 -16.95 -14.57 18.15
CA ALA C 165 -17.27 -14.58 16.72
C ALA C 165 -17.46 -13.17 16.11
N ASN C 166 -17.63 -12.16 16.95
CA ASN C 166 -17.89 -10.76 16.52
C ASN C 166 -18.92 -10.65 15.41
N ARG C 167 -20.10 -11.26 15.62
CA ARG C 167 -21.20 -11.21 14.64
C ARG C 167 -20.76 -11.62 13.23
N ALA C 168 -19.86 -12.59 13.15
CA ALA C 168 -19.29 -13.02 11.88
C ALA C 168 -20.27 -13.81 11.02
N TRP C 169 -21.22 -14.49 11.67
CA TRP C 169 -21.92 -15.60 11.02
C TRP C 169 -23.37 -15.37 10.62
N THR C 170 -23.65 -15.82 9.40
CA THR C 170 -24.98 -16.16 8.95
C THR C 170 -25.43 -17.43 9.71
N PRO C 171 -26.75 -17.66 9.85
CA PRO C 171 -27.26 -18.91 10.41
C PRO C 171 -26.60 -20.19 9.88
N LEU C 172 -26.45 -20.29 8.56
CA LEU C 172 -25.78 -21.45 7.94
C LEU C 172 -24.39 -21.63 8.50
N LYS C 173 -23.58 -20.58 8.44
CA LYS C 173 -22.21 -20.61 8.97
C LYS C 173 -22.18 -20.90 10.48
N GLY C 174 -23.25 -20.52 11.17
CA GLY C 174 -23.45 -20.92 12.56
C GLY C 174 -23.51 -22.44 12.73
N GLN C 175 -24.48 -23.07 12.06
CA GLN C 175 -24.65 -24.53 12.18
C GLN C 175 -23.59 -25.32 11.40
N GLN C 176 -22.85 -24.64 10.52
CA GLN C 176 -21.63 -25.22 9.90
C GLN C 176 -20.52 -25.28 10.95
N PHE C 177 -20.40 -24.23 11.76
CA PHE C 177 -19.49 -24.25 12.90
C PHE C 177 -19.85 -25.34 13.92
N ALA C 178 -21.15 -25.47 14.18
CA ALA C 178 -21.64 -26.43 15.18
C ALA C 178 -21.42 -27.88 14.75
N LYS C 179 -21.69 -28.16 13.47
CA LYS C 179 -21.56 -29.51 12.91
C LYS C 179 -20.38 -30.30 13.46
N TYR C 180 -19.24 -29.65 13.55
CA TYR C 180 -17.99 -30.33 13.93
C TYR C 180 -17.60 -30.15 15.41
N VAL C 181 -18.54 -29.72 16.24
CA VAL C 181 -18.34 -29.75 17.69
C VAL C 181 -19.12 -30.92 18.29
N ASN C 182 -18.41 -31.78 19.01
CA ASN C 182 -18.98 -32.92 19.73
C ASN C 182 -19.93 -32.44 20.84
N PRO C 183 -21.24 -32.78 20.75
CA PRO C 183 -22.26 -32.28 21.70
C PRO C 183 -21.91 -32.38 23.19
N ASP C 184 -21.22 -33.45 23.58
CA ASP C 184 -20.71 -33.62 24.95
C ASP C 184 -19.81 -32.48 25.40
N TYR C 185 -19.04 -31.97 24.44
CA TYR C 185 -18.08 -30.89 24.68
C TYR C 185 -18.77 -29.53 24.65
N ARG C 186 -19.98 -29.46 24.12
CA ARG C 186 -20.65 -28.18 23.85
C ARG C 186 -20.88 -27.31 25.08
N ASP C 187 -21.28 -27.92 26.21
CA ASP C 187 -21.56 -27.13 27.41
C ASP C 187 -20.26 -26.71 28.14
N ARG C 188 -19.14 -27.30 27.72
CA ARG C 188 -17.80 -26.80 28.10
C ARG C 188 -17.36 -25.57 27.26
N ILE C 189 -18.26 -25.06 26.42
CA ILE C 189 -18.11 -23.72 25.85
C ILE C 189 -18.70 -22.72 26.87
N ALA C 190 -17.82 -22.04 27.60
CA ALA C 190 -18.25 -21.06 28.62
C ALA C 190 -19.27 -20.10 28.02
N PHE C 191 -18.98 -19.63 26.80
CA PHE C 191 -19.95 -18.89 25.98
C PHE C 191 -19.37 -18.65 24.60
N LEU C 192 -20.27 -18.41 23.64
CA LEU C 192 -19.89 -17.98 22.30
C LEU C 192 -20.46 -16.59 22.14
N ALA C 193 -19.56 -15.59 22.14
CA ALA C 193 -19.97 -14.19 22.05
C ALA C 193 -20.36 -13.80 20.61
N GLU C 194 -21.60 -13.33 20.45
CA GLU C 194 -22.10 -12.77 19.18
C GLU C 194 -21.89 -13.71 18.01
N PRO C 195 -22.44 -14.93 18.10
CA PRO C 195 -22.11 -15.88 17.03
C PRO C 195 -22.56 -15.39 15.65
N CYS C 196 -23.72 -14.75 15.59
CA CYS C 196 -24.37 -14.43 14.33
C CYS C 196 -24.54 -12.94 14.07
N LYS C 197 -24.68 -12.60 12.79
CA LYS C 197 -24.81 -11.19 12.36
C LYS C 197 -25.96 -10.42 13.03
N THR C 198 -27.00 -11.13 13.45
CA THR C 198 -28.11 -10.49 14.17
C THR C 198 -28.32 -11.11 15.56
N ARG C 199 -28.90 -10.35 16.47
CA ARG C 199 -29.19 -10.82 17.82
C ARG C 199 -30.21 -11.95 17.83
N ASP C 200 -31.27 -11.79 17.04
CA ASP C 200 -32.27 -12.85 16.85
C ASP C 200 -31.66 -14.12 16.28
N ASP C 201 -30.74 -13.98 15.33
CA ASP C 201 -29.99 -15.13 14.81
C ASP C 201 -29.13 -15.83 15.88
N SER C 202 -28.53 -15.08 16.79
CA SER C 202 -27.65 -15.69 17.78
C SER C 202 -28.44 -16.48 18.85
N ARG C 203 -29.62 -15.99 19.19
CA ARG C 203 -30.51 -16.68 20.12
C ARG C 203 -31.10 -17.95 19.50
N ALA C 204 -31.39 -17.87 18.19
CA ALA C 204 -31.80 -19.03 17.41
C ALA C 204 -30.68 -20.05 17.39
N PHE C 205 -29.47 -19.54 17.28
CA PHE C 205 -28.26 -20.34 17.34
C PHE C 205 -28.11 -21.06 18.66
N ALA C 206 -28.21 -20.30 19.76
CA ALA C 206 -28.10 -20.87 21.11
C ALA C 206 -29.07 -22.02 21.36
N ARG C 207 -30.30 -21.90 20.87
CA ARG C 207 -31.30 -22.97 21.07
C ARG C 207 -31.11 -24.16 20.11
N GLU C 208 -30.95 -23.89 18.80
CA GLU C 208 -30.85 -24.95 17.79
C GLU C 208 -29.52 -25.72 17.88
N THR C 209 -28.49 -25.08 18.45
CA THR C 209 -27.20 -25.73 18.72
C THR C 209 -27.10 -26.26 20.16
N GLY C 210 -27.62 -25.47 21.10
CA GLY C 210 -27.46 -25.76 22.54
C GLY C 210 -26.19 -25.16 23.12
N ILE C 211 -25.52 -24.31 22.34
CA ILE C 211 -24.28 -23.65 22.73
C ILE C 211 -24.58 -22.32 23.44
N ALA C 212 -24.00 -22.14 24.63
CA ALA C 212 -24.25 -20.95 25.44
C ALA C 212 -23.65 -19.72 24.75
N ILE C 213 -24.43 -18.64 24.68
CA ILE C 213 -23.93 -17.42 24.06
C ILE C 213 -23.80 -16.23 25.01
N ALA C 214 -23.07 -15.23 24.54
CA ALA C 214 -22.87 -14.01 25.30
C ALA C 214 -23.01 -12.81 24.40
N TRP C 215 -23.37 -11.69 24.99
CA TRP C 215 -23.45 -10.42 24.28
C TRP C 215 -22.15 -9.65 24.49
N ASP C 216 -21.56 -9.22 23.38
CA ASP C 216 -20.38 -8.37 23.37
C ASP C 216 -20.75 -7.02 22.72
N GLU C 217 -20.78 -6.97 21.38
CA GLU C 217 -21.07 -5.70 20.65
C GLU C 217 -22.52 -5.21 20.77
N SER C 218 -23.40 -6.03 21.35
CA SER C 218 -24.78 -5.63 21.66
C SER C 218 -24.80 -4.62 22.79
N LEU C 219 -23.99 -4.84 23.83
CA LEU C 219 -24.01 -3.97 25.02
C LEU C 219 -23.77 -2.49 24.71
N ARG C 220 -23.26 -2.21 23.52
CA ARG C 220 -22.89 -0.87 23.12
C ARG C 220 -23.89 -0.26 22.12
N GLU C 221 -24.98 -0.98 21.88
CA GLU C 221 -26.14 -0.42 21.18
C GLU C 221 -27.11 0.15 22.21
N PRO C 222 -27.74 1.28 21.88
CA PRO C 222 -28.70 1.88 22.82
C PRO C 222 -30.07 1.18 22.71
N ASP C 223 -30.89 1.32 23.75
CA ASP C 223 -32.10 0.50 23.91
C ASP C 223 -31.72 -0.98 24.14
N PHE C 224 -30.43 -1.23 24.42
CA PHE C 224 -30.00 -2.54 24.89
C PHE C 224 -30.36 -2.61 26.37
N ALA C 225 -30.94 -3.74 26.76
CA ALA C 225 -31.47 -3.91 28.10
C ALA C 225 -30.98 -5.22 28.69
N PHE C 226 -30.50 -5.15 29.93
CA PHE C 226 -30.20 -6.36 30.69
C PHE C 226 -31.53 -6.98 31.10
N VAL C 227 -32.04 -7.83 30.23
CA VAL C 227 -33.33 -8.46 30.42
C VAL C 227 -33.17 -9.91 30.00
N ALA C 228 -33.10 -10.80 31.00
CA ALA C 228 -32.63 -12.19 30.84
C ALA C 228 -33.16 -12.94 29.62
N GLU C 229 -32.33 -13.84 29.10
CA GLU C 229 -32.65 -14.63 27.91
C GLU C 229 -32.21 -16.10 28.09
N GLU C 230 -33.09 -17.02 27.74
CA GLU C 230 -32.75 -18.43 27.62
C GLU C 230 -31.46 -18.57 26.79
N GLY C 231 -30.51 -19.37 27.29
CA GLY C 231 -29.27 -19.65 26.56
C GLY C 231 -28.24 -18.53 26.51
N VAL C 232 -28.39 -17.52 27.37
CA VAL C 232 -27.40 -16.44 27.45
C VAL C 232 -26.73 -16.44 28.82
N ARG C 233 -25.44 -16.81 28.83
CA ARG C 233 -24.73 -17.12 30.07
C ARG C 233 -23.69 -16.06 30.50
N ALA C 234 -23.45 -15.06 29.65
CA ALA C 234 -22.43 -14.05 29.96
C ALA C 234 -22.46 -12.86 29.03
N VAL C 235 -21.76 -11.79 29.44
CA VAL C 235 -21.52 -10.63 28.60
C VAL C 235 -20.04 -10.26 28.62
N VAL C 236 -19.56 -9.76 27.48
CA VAL C 236 -18.20 -9.23 27.35
C VAL C 236 -18.27 -7.69 27.41
N ILE C 237 -17.58 -7.11 28.40
CA ILE C 237 -17.56 -5.67 28.58
C ILE C 237 -16.16 -5.13 28.25
N LYS C 238 -16.07 -4.40 27.14
CA LYS C 238 -14.83 -3.79 26.71
C LYS C 238 -14.90 -2.31 27.05
N PRO C 239 -14.23 -1.92 28.15
CA PRO C 239 -14.37 -0.57 28.69
C PRO C 239 -13.92 0.56 27.76
N THR C 240 -12.95 0.27 26.89
CA THR C 240 -12.47 1.30 25.94
C THR C 240 -13.58 1.67 24.96
N LEU C 241 -14.40 0.67 24.61
CA LEU C 241 -15.54 0.82 23.69
C LEU C 241 -16.86 1.18 24.42
N THR C 242 -16.85 1.15 25.76
CA THR C 242 -18.04 1.35 26.59
C THR C 242 -18.13 2.73 27.19
N GLY C 243 -17.01 3.20 27.74
CA GLY C 243 -16.96 4.50 28.39
C GLY C 243 -16.47 4.42 29.82
N SER C 244 -17.09 5.20 30.68
CA SER C 244 -16.55 5.51 32.01
C SER C 244 -16.62 4.35 32.98
N LEU C 245 -15.80 4.43 34.02
CA LEU C 245 -15.71 3.38 35.07
C LEU C 245 -17.05 3.17 35.79
N GLU C 246 -17.81 4.26 35.96
CA GLU C 246 -19.14 4.19 36.57
C GLU C 246 -20.12 3.45 35.65
N LYS C 247 -19.98 3.67 34.35
CA LYS C 247 -20.76 2.94 33.35
C LYS C 247 -20.41 1.46 33.35
N VAL C 248 -19.13 1.14 33.37
CA VAL C 248 -18.68 -0.26 33.43
C VAL C 248 -19.26 -0.95 34.68
N ARG C 249 -19.30 -0.22 35.80
CA ARG C 249 -19.78 -0.76 37.08
C ARG C 249 -21.26 -1.11 37.03
N GLU C 250 -22.06 -0.21 36.47
CA GLU C 250 -23.49 -0.44 36.27
C GLU C 250 -23.73 -1.72 35.50
N GLN C 251 -23.16 -1.77 34.30
CA GLN C 251 -23.32 -2.92 33.40
C GLN C 251 -22.96 -4.26 34.07
N VAL C 252 -21.90 -4.24 34.87
CA VAL C 252 -21.47 -5.42 35.59
C VAL C 252 -22.54 -5.77 36.61
N GLN C 253 -22.78 -4.89 37.58
CA GLN C 253 -23.80 -5.14 38.60
C GLN C 253 -25.14 -5.60 37.95
N ALA C 254 -25.47 -5.06 36.78
CA ALA C 254 -26.69 -5.47 36.07
C ALA C 254 -26.61 -6.92 35.57
N ALA C 255 -25.43 -7.31 35.06
CA ALA C 255 -25.20 -8.66 34.55
C ALA C 255 -25.26 -9.70 35.65
N HIS C 256 -24.58 -9.41 36.77
CA HIS C 256 -24.56 -10.29 37.95
C HIS C 256 -25.95 -10.44 38.55
N ALA C 257 -26.76 -9.39 38.44
CA ALA C 257 -28.13 -9.41 38.93
C ALA C 257 -28.96 -10.47 38.18
N LEU C 258 -28.65 -10.66 36.89
CA LEU C 258 -29.29 -11.68 36.04
C LEU C 258 -28.62 -13.07 36.09
N GLY C 259 -27.66 -13.26 37.01
CA GLY C 259 -26.88 -14.50 37.04
C GLY C 259 -26.00 -14.73 35.81
N LEU C 260 -25.51 -13.65 35.21
CA LEU C 260 -24.61 -13.72 34.04
C LEU C 260 -23.16 -13.48 34.43
N THR C 261 -22.22 -14.22 33.81
CA THR C 261 -20.79 -13.93 33.95
C THR C 261 -20.45 -12.66 33.16
N ALA C 262 -19.64 -11.79 33.76
CA ALA C 262 -19.23 -10.56 33.11
C ALA C 262 -17.71 -10.57 33.00
N VAL C 263 -17.24 -10.62 31.75
CA VAL C 263 -15.82 -10.67 31.44
C VAL C 263 -15.30 -9.29 30.99
N ILE C 264 -14.50 -8.66 31.84
CA ILE C 264 -13.81 -7.42 31.48
C ILE C 264 -12.73 -7.78 30.44
N SER C 265 -12.75 -7.09 29.30
CA SER C 265 -12.02 -7.57 28.13
C SER C 265 -11.26 -6.49 27.36
N SER C 266 -10.19 -6.91 26.73
CA SER C 266 -9.29 -6.03 26.00
C SER C 266 -9.87 -5.49 24.69
N SER C 267 -9.61 -4.20 24.45
CA SER C 267 -9.74 -3.62 23.12
C SER C 267 -8.32 -3.40 22.51
N ILE C 268 -7.41 -4.33 22.82
CA ILE C 268 -6.01 -4.31 22.39
C ILE C 268 -5.26 -3.06 22.89
N GLU C 269 -5.48 -2.69 24.14
CA GLU C 269 -4.80 -1.53 24.71
C GLU C 269 -3.32 -1.83 24.87
N SER C 270 -2.55 -0.78 25.17
CA SER C 270 -1.16 -0.98 25.58
C SER C 270 -1.12 -1.59 26.98
N SER C 271 0.06 -2.04 27.36
CA SER C 271 0.31 -2.64 28.67
C SER C 271 -0.27 -1.80 29.82
N LEU C 272 -0.21 -0.47 29.68
CA LEU C 272 -0.74 0.44 30.68
C LEU C 272 -2.24 0.21 30.87
N GLY C 273 -3.00 0.33 29.79
CA GLY C 273 -4.44 0.11 29.79
C GLY C 273 -4.80 -1.31 30.17
N LEU C 274 -3.97 -2.25 29.76
CA LEU C 274 -4.13 -3.66 30.12
C LEU C 274 -3.97 -3.89 31.62
N THR C 275 -2.90 -3.36 32.20
CA THR C 275 -2.66 -3.51 33.64
C THR C 275 -3.83 -2.89 34.41
N GLN C 276 -4.37 -1.79 33.90
CA GLN C 276 -5.49 -1.12 34.57
C GLN C 276 -6.77 -1.95 34.46
N LEU C 277 -6.97 -2.57 33.31
CA LEU C 277 -8.12 -3.45 33.07
C LEU C 277 -8.05 -4.65 34.03
N ALA C 278 -6.83 -5.14 34.23
CA ALA C 278 -6.56 -6.21 35.19
C ALA C 278 -6.99 -5.81 36.59
N ARG C 279 -6.75 -4.55 36.96
CA ARG C 279 -7.20 -3.99 38.23
C ARG C 279 -8.72 -3.77 38.29
N ILE C 280 -9.31 -3.31 37.18
CA ILE C 280 -10.77 -3.14 37.09
C ILE C 280 -11.47 -4.49 37.20
N ALA C 281 -10.94 -5.50 36.53
CA ALA C 281 -11.40 -6.89 36.74
C ALA C 281 -11.39 -7.30 38.22
N ALA C 282 -10.22 -7.26 38.85
CA ALA C 282 -10.07 -7.57 40.27
C ALA C 282 -11.12 -6.85 41.13
N TRP C 283 -11.42 -5.60 40.78
CA TRP C 283 -12.37 -4.78 41.51
C TRP C 283 -13.83 -5.24 41.31
N LEU C 284 -14.28 -5.25 40.05
CA LEU C 284 -15.72 -5.43 39.74
C LEU C 284 -16.09 -6.87 39.39
N THR C 285 -15.11 -7.66 38.94
CA THR C 285 -15.33 -9.09 38.65
C THR C 285 -14.21 -9.94 39.26
N PRO C 286 -14.00 -9.84 40.58
CA PRO C 286 -12.92 -10.55 41.27
C PRO C 286 -13.01 -12.04 41.05
N ASP C 287 -14.24 -12.47 40.77
CA ASP C 287 -14.64 -13.87 40.61
C ASP C 287 -14.19 -14.46 39.28
N THR C 288 -13.98 -13.59 38.29
CA THR C 288 -13.94 -13.95 36.89
C THR C 288 -12.65 -13.48 36.22
N ILE C 289 -11.93 -14.42 35.62
CA ILE C 289 -10.71 -14.12 34.88
C ILE C 289 -11.05 -13.14 33.73
N PRO C 290 -10.22 -12.11 33.53
CA PRO C 290 -10.51 -11.15 32.45
C PRO C 290 -9.99 -11.59 31.09
N GLY C 291 -10.49 -10.96 30.03
CA GLY C 291 -10.05 -11.23 28.64
C GLY C 291 -8.93 -10.32 28.16
N LEU C 292 -7.72 -10.53 28.68
CA LEU C 292 -6.63 -9.57 28.55
C LEU C 292 -5.31 -10.13 27.95
N ASP C 293 -5.34 -11.33 27.35
CA ASP C 293 -4.12 -11.89 26.70
C ASP C 293 -4.03 -11.40 25.24
N THR C 294 -3.96 -10.08 25.10
CA THR C 294 -3.78 -9.40 23.81
C THR C 294 -2.43 -8.66 23.74
N LEU C 295 -1.56 -8.89 24.72
CA LEU C 295 -0.28 -8.17 24.85
C LEU C 295 0.82 -8.79 23.99
N ASP C 296 0.83 -10.12 23.86
CA ASP C 296 1.84 -10.82 23.05
C ASP C 296 1.75 -10.51 21.57
N LEU C 297 0.62 -9.96 21.14
CA LEU C 297 0.44 -9.55 19.75
C LEU C 297 1.13 -8.20 19.46
N MET C 298 1.72 -7.58 20.48
CA MET C 298 2.41 -6.29 20.34
C MET C 298 3.92 -6.49 20.51
N GLN C 299 4.68 -5.45 20.18
CA GLN C 299 6.16 -5.52 20.18
C GLN C 299 6.79 -4.74 21.33
N ALA C 300 5.97 -4.02 22.09
CA ALA C 300 6.48 -3.26 23.23
C ALA C 300 5.41 -2.96 24.27
N GLN C 301 5.80 -3.04 25.53
CA GLN C 301 5.00 -2.51 26.64
C GLN C 301 5.32 -1.01 26.70
N GLN C 302 4.48 -0.24 27.36
CA GLN C 302 4.79 1.17 27.63
C GLN C 302 4.40 1.55 29.04
N VAL C 303 5.28 2.30 29.72
CA VAL C 303 4.98 3.00 30.99
C VAL C 303 4.72 2.09 32.21
N ARG C 304 3.76 1.16 32.09
CA ARG C 304 3.58 0.10 33.08
C ARG C 304 3.81 -1.25 32.45
N ARG C 305 4.46 -2.14 33.19
CA ARG C 305 4.80 -3.46 32.70
C ARG C 305 3.73 -4.46 33.18
N TRP C 306 3.32 -5.36 32.28
CA TRP C 306 2.49 -6.50 32.66
C TRP C 306 3.37 -7.57 33.32
N PRO C 307 3.09 -7.90 34.59
CA PRO C 307 3.94 -8.84 35.33
C PRO C 307 3.95 -10.22 34.71
N GLY C 308 5.11 -10.66 34.22
CA GLY C 308 5.25 -11.93 33.51
C GLY C 308 5.75 -11.75 32.08
N SER C 309 5.38 -10.63 31.46
CA SER C 309 5.84 -10.28 30.12
C SER C 309 7.36 -10.20 30.02
N THR C 310 7.91 -10.66 28.90
CA THR C 310 9.34 -10.52 28.59
C THR C 310 9.60 -9.43 27.54
N LEU C 311 8.54 -8.75 27.09
CA LEU C 311 8.61 -7.72 26.04
C LEU C 311 9.36 -6.47 26.51
N PRO C 312 9.87 -5.66 25.56
CA PRO C 312 10.60 -4.44 25.94
C PRO C 312 9.66 -3.30 26.36
N VAL C 313 10.10 -2.53 27.34
CA VAL C 313 9.30 -1.47 27.95
C VAL C 313 9.72 -0.09 27.46
N VAL C 314 8.79 0.64 26.85
CA VAL C 314 9.03 2.05 26.51
C VAL C 314 8.68 2.94 27.69
N GLU C 315 9.55 3.90 27.96
CA GLU C 315 9.43 4.76 29.15
C GLU C 315 8.75 6.09 28.87
N VAL C 316 8.20 6.69 29.93
CA VAL C 316 7.36 7.88 29.81
C VAL C 316 8.08 9.01 29.05
N ASP C 317 9.39 9.08 29.22
CA ASP C 317 10.17 10.18 28.64
C ASP C 317 10.80 9.82 27.28
N ALA C 318 10.32 8.74 26.69
CA ALA C 318 10.48 8.46 25.25
C ALA C 318 9.21 8.81 24.45
N LEU C 319 8.06 8.91 25.14
CA LEU C 319 6.78 9.12 24.47
C LEU C 319 6.63 10.56 23.95
N GLU C 320 5.98 10.71 22.79
CA GLU C 320 5.71 12.03 22.21
C GLU C 320 4.68 12.79 23.02
N ARG C 321 5.00 14.01 23.42
CA ARG C 321 4.12 14.80 24.27
C ARG C 321 3.24 15.73 23.44
N LEU C 322 2.08 16.07 24.01
CA LEU C 322 1.16 17.05 23.41
C LEU C 322 0.75 18.13 24.42
N LEU C 323 0.83 17.80 25.71
CA LEU C 323 0.75 18.81 26.78
C LEU C 323 1.75 18.44 27.86
N MET D 4 -43.29 21.50 -5.43
CA MET D 4 -43.16 20.05 -5.12
C MET D 4 -41.73 19.61 -5.44
N ARG D 5 -41.00 19.21 -4.41
CA ARG D 5 -39.56 19.03 -4.51
C ARG D 5 -39.13 17.57 -4.45
N SER D 6 -38.09 17.25 -5.21
CA SER D 6 -37.42 15.95 -5.14
C SER D 6 -35.92 16.17 -5.32
N ALA D 7 -35.12 15.22 -4.86
CA ALA D 7 -33.66 15.33 -4.89
C ALA D 7 -32.94 13.98 -4.92
N GLN D 8 -31.90 13.90 -5.76
CA GLN D 8 -31.00 12.74 -5.79
C GLN D 8 -29.65 13.21 -5.28
N VAL D 9 -28.99 12.35 -4.53
CA VAL D 9 -27.58 12.50 -4.26
C VAL D 9 -26.91 11.35 -4.97
N TYR D 10 -25.69 11.56 -5.45
CA TYR D 10 -24.89 10.46 -5.97
C TYR D 10 -23.52 10.44 -5.30
N ARG D 11 -22.85 9.30 -5.44
CA ARG D 11 -21.53 9.07 -4.89
C ARG D 11 -20.73 8.42 -5.99
N TRP D 12 -19.49 8.89 -6.19
CA TRP D 12 -18.67 8.38 -7.29
C TRP D 12 -17.18 8.49 -7.03
N GLN D 13 -16.44 7.71 -7.80
CA GLN D 13 -14.99 7.65 -7.74
C GLN D 13 -14.47 7.61 -9.16
N ILE D 14 -13.60 8.57 -9.48
CA ILE D 14 -13.05 8.71 -10.82
C ILE D 14 -11.58 8.33 -10.76
N PRO D 15 -11.21 7.16 -11.31
CA PRO D 15 -9.78 6.88 -11.47
C PRO D 15 -9.05 7.99 -12.23
N MET D 16 -7.77 8.18 -11.91
CA MET D 16 -6.98 9.29 -12.50
C MET D 16 -5.68 8.85 -13.17
N LEU D 27 -3.14 11.02 -5.37
CA LEU D 27 -4.48 10.43 -5.44
C LEU D 27 -4.59 9.42 -6.60
N LYS D 28 -5.20 8.28 -6.31
CA LYS D 28 -5.46 7.24 -7.32
C LYS D 28 -6.91 7.34 -7.81
N THR D 29 -7.82 7.57 -6.86
CA THR D 29 -9.23 7.82 -7.14
C THR D 29 -9.54 9.26 -6.80
N ARG D 30 -10.57 9.81 -7.43
CA ARG D 30 -11.07 11.12 -7.07
C ARG D 30 -12.47 10.93 -6.52
N ASP D 31 -12.68 11.36 -5.28
CA ASP D 31 -13.88 11.03 -4.53
C ASP D 31 -14.84 12.21 -4.48
N GLY D 32 -16.07 11.98 -4.96
CA GLY D 32 -17.05 13.04 -5.00
C GLY D 32 -18.51 12.66 -4.87
N LEU D 33 -19.34 13.70 -4.84
CA LEU D 33 -20.78 13.56 -4.75
C LEU D 33 -21.42 14.50 -5.77
N TYR D 34 -22.63 14.18 -6.20
CA TYR D 34 -23.46 15.12 -6.93
C TYR D 34 -24.76 15.32 -6.19
N VAL D 35 -25.39 16.47 -6.43
CA VAL D 35 -26.77 16.66 -6.05
C VAL D 35 -27.55 17.00 -7.32
N CYS D 36 -28.78 16.51 -7.40
CA CYS D 36 -29.74 16.94 -8.40
C CYS D 36 -30.99 17.40 -7.68
N LEU D 37 -31.21 18.71 -7.70
CA LEU D 37 -32.42 19.29 -7.13
C LEU D 37 -33.48 19.43 -8.20
N ARG D 38 -34.71 19.07 -7.87
CA ARG D 38 -35.81 19.21 -8.80
C ARG D 38 -36.95 19.91 -8.09
N GLU D 39 -37.34 21.05 -8.63
CA GLU D 39 -38.48 21.80 -8.10
C GLU D 39 -39.53 21.92 -9.20
N GLY D 40 -40.45 20.97 -9.20
CA GLY D 40 -41.47 20.87 -10.24
C GLY D 40 -40.88 20.49 -11.57
N GLU D 41 -41.06 21.37 -12.55
CA GLU D 41 -40.62 21.12 -13.93
C GLU D 41 -39.14 21.50 -14.23
N ARG D 42 -38.46 22.13 -13.27
CA ARG D 42 -37.03 22.45 -13.45
C ARG D 42 -36.12 21.62 -12.52
N GLU D 43 -34.89 21.38 -12.98
CA GLU D 43 -33.87 20.73 -12.15
C GLU D 43 -32.53 21.46 -12.19
N GLY D 44 -31.74 21.28 -11.13
CA GLY D 44 -30.41 21.89 -11.03
C GLY D 44 -29.42 20.96 -10.38
N TRP D 45 -28.19 20.90 -10.92
CA TRP D 45 -27.13 20.03 -10.40
C TRP D 45 -26.03 20.78 -9.64
N GLY D 46 -25.29 20.03 -8.80
CA GLY D 46 -24.10 20.55 -8.11
C GLY D 46 -23.08 19.45 -7.79
N GLU D 47 -21.80 19.79 -7.78
CA GLU D 47 -20.77 18.88 -7.30
C GLU D 47 -20.27 19.25 -5.89
N ILE D 48 -20.11 18.21 -5.06
CA ILE D 48 -19.61 18.35 -3.70
C ILE D 48 -18.49 17.37 -3.48
N SER D 49 -17.29 17.76 -3.87
CA SER D 49 -16.13 16.89 -3.72
C SER D 49 -15.02 17.68 -3.04
N PRO D 50 -14.99 17.66 -1.69
CA PRO D 50 -13.88 18.30 -1.02
C PRO D 50 -12.57 17.65 -1.44
N LEU D 51 -11.51 18.45 -1.51
CA LEU D 51 -10.23 18.02 -2.05
C LEU D 51 -9.26 17.66 -0.91
N PRO D 52 -8.79 16.41 -0.87
CA PRO D 52 -7.84 16.00 0.15
C PRO D 52 -6.54 16.82 0.16
N GLY D 53 -6.19 17.34 1.34
CA GLY D 53 -4.99 18.15 1.52
C GLY D 53 -5.25 19.64 1.34
N PHE D 54 -6.49 19.99 0.96
CA PHE D 54 -6.90 21.39 0.74
C PHE D 54 -8.17 21.78 1.49
N SER D 55 -9.18 20.90 1.42
CA SER D 55 -10.45 21.08 2.11
C SER D 55 -10.35 20.60 3.56
N GLN D 56 -10.91 21.40 4.47
N GLN D 56 -10.88 21.38 4.51
CA GLN D 56 -10.93 21.07 5.91
CA GLN D 56 -10.83 20.93 5.92
C GLN D 56 -11.80 19.83 6.19
C GLN D 56 -11.83 19.82 6.24
N GLU D 57 -12.88 19.69 5.43
CA GLU D 57 -13.82 18.57 5.57
C GLU D 57 -13.37 17.41 4.72
N THR D 58 -13.80 16.20 5.08
CA THR D 58 -13.53 14.99 4.31
C THR D 58 -14.75 14.60 3.50
N TRP D 59 -14.56 13.66 2.57
CA TRP D 59 -15.61 13.16 1.68
C TRP D 59 -16.87 12.75 2.42
N GLU D 60 -16.69 11.99 3.49
CA GLU D 60 -17.80 11.42 4.27
C GLU D 60 -18.49 12.47 5.17
N GLU D 61 -17.73 13.46 5.62
CA GLU D 61 -18.28 14.59 6.38
C GLU D 61 -19.15 15.49 5.50
N ALA D 62 -18.64 15.83 4.32
CA ALA D 62 -19.45 16.42 3.25
C ALA D 62 -20.69 15.57 2.95
N GLN D 63 -20.49 14.26 2.91
CA GLN D 63 -21.58 13.32 2.64
C GLN D 63 -22.69 13.44 3.67
N SER D 64 -22.31 13.45 4.94
CA SER D 64 -23.30 13.63 6.02
C SER D 64 -24.00 14.97 5.87
N VAL D 65 -23.20 16.03 5.81
CA VAL D 65 -23.68 17.40 5.80
C VAL D 65 -24.51 17.72 4.55
N LEU D 66 -24.24 17.00 3.46
CA LEU D 66 -25.02 17.14 2.23
C LEU D 66 -26.41 16.52 2.37
N LEU D 67 -26.43 15.24 2.74
CA LEU D 67 -27.68 14.52 2.92
C LEU D 67 -28.64 15.22 3.92
N ALA D 68 -28.08 15.79 4.98
CA ALA D 68 -28.88 16.57 5.93
C ALA D 68 -29.44 17.82 5.26
N TRP D 69 -28.63 18.47 4.42
CA TRP D 69 -29.07 19.71 3.75
C TRP D 69 -30.16 19.44 2.71
N VAL D 70 -29.96 18.42 1.89
CA VAL D 70 -30.95 18.08 0.88
C VAL D 70 -32.32 17.89 1.52
N ASN D 71 -32.38 17.00 2.51
CA ASN D 71 -33.61 16.74 3.25
C ASN D 71 -34.31 17.98 3.79
N ASN D 72 -33.53 18.92 4.32
CA ASN D 72 -34.10 20.17 4.83
C ASN D 72 -34.56 21.09 3.70
N TRP D 73 -33.92 20.96 2.54
CA TRP D 73 -34.39 21.66 1.36
C TRP D 73 -35.71 21.06 0.91
N LEU D 74 -35.82 19.74 0.96
CA LEU D 74 -37.09 19.09 0.65
C LEU D 74 -38.20 19.63 1.54
N ALA D 75 -37.88 19.87 2.81
CA ALA D 75 -38.81 20.52 3.77
C ALA D 75 -39.03 22.01 3.52
N GLY D 76 -38.24 22.60 2.63
CA GLY D 76 -38.39 24.01 2.25
C GLY D 76 -37.31 24.96 2.76
N ASP D 77 -36.37 24.46 3.56
CA ASP D 77 -35.24 25.25 4.09
C ASP D 77 -34.10 25.29 3.07
N CYS D 78 -33.82 26.45 2.50
CA CYS D 78 -32.69 26.58 1.57
C CYS D 78 -31.44 27.15 2.26
N GLU D 79 -31.55 27.45 3.56
CA GLU D 79 -30.41 28.00 4.29
C GLU D 79 -29.18 27.12 4.07
N LEU D 80 -28.07 27.75 3.74
CA LEU D 80 -26.88 27.04 3.30
C LEU D 80 -26.05 26.53 4.46
N PRO D 81 -25.29 25.45 4.24
CA PRO D 81 -24.40 24.99 5.28
C PRO D 81 -23.12 25.81 5.30
N GLN D 82 -22.36 25.72 6.39
N GLN D 82 -22.37 25.69 6.39
CA GLN D 82 -21.03 26.34 6.44
CA GLN D 82 -21.05 26.33 6.50
C GLN D 82 -20.06 25.58 5.53
C GLN D 82 -19.98 25.59 5.68
N MET D 83 -20.06 24.25 5.64
CA MET D 83 -19.05 23.41 4.98
C MET D 83 -18.88 23.76 3.50
N PRO D 84 -17.67 24.22 3.11
CA PRO D 84 -17.52 24.86 1.80
C PRO D 84 -17.81 23.97 0.59
N SER D 85 -17.37 22.72 0.59
CA SER D 85 -17.63 21.85 -0.58
C SER D 85 -19.13 21.72 -0.82
N VAL D 86 -19.88 21.52 0.26
CA VAL D 86 -21.34 21.37 0.21
C VAL D 86 -22.00 22.67 -0.22
N ALA D 87 -21.70 23.75 0.49
CA ALA D 87 -22.25 25.08 0.21
C ALA D 87 -22.04 25.46 -1.26
N PHE D 88 -20.89 25.08 -1.79
CA PHE D 88 -20.57 25.33 -3.17
C PHE D 88 -21.51 24.62 -4.14
N GLY D 89 -21.59 23.29 -4.04
CA GLY D 89 -22.39 22.49 -4.97
C GLY D 89 -23.90 22.73 -4.86
N VAL D 90 -24.36 22.79 -3.63
CA VAL D 90 -25.74 23.12 -3.35
C VAL D 90 -26.11 24.47 -4.02
N SER D 91 -25.29 25.51 -3.78
CA SER D 91 -25.54 26.85 -4.36
C SER D 91 -25.62 26.81 -5.90
N CYS D 92 -24.74 26.00 -6.50
CA CYS D 92 -24.81 25.75 -7.93
C CYS D 92 -26.16 25.16 -8.36
N ALA D 93 -26.60 24.11 -7.67
CA ALA D 93 -27.91 23.48 -7.96
C ALA D 93 -29.07 24.43 -7.80
N LEU D 94 -29.01 25.26 -6.76
CA LEU D 94 -30.04 26.27 -6.52
C LEU D 94 -30.04 27.32 -7.62
N ALA D 95 -28.85 27.80 -7.95
CA ALA D 95 -28.64 28.74 -9.06
C ALA D 95 -29.19 28.22 -10.40
N GLU D 96 -28.91 26.95 -10.70
CA GLU D 96 -29.45 26.30 -11.91
C GLU D 96 -30.95 26.16 -11.90
N LEU D 97 -31.53 25.80 -10.76
CA LEU D 97 -32.97 25.74 -10.59
C LEU D 97 -33.67 27.05 -10.95
N THR D 98 -33.01 28.17 -10.64
CA THR D 98 -33.54 29.50 -10.94
C THR D 98 -33.03 30.06 -12.26
N ASP D 99 -32.24 29.27 -12.98
CA ASP D 99 -31.49 29.73 -14.16
C ASP D 99 -30.94 31.12 -13.89
N THR D 100 -30.11 31.20 -12.85
CA THR D 100 -29.34 32.40 -12.51
C THR D 100 -27.86 32.13 -12.75
N LEU D 101 -27.45 30.88 -12.61
CA LEU D 101 -26.19 30.43 -13.15
C LEU D 101 -26.41 30.35 -14.65
N PRO D 102 -25.76 31.23 -15.43
CA PRO D 102 -26.12 31.33 -16.85
C PRO D 102 -25.33 30.34 -17.69
N GLN D 103 -25.88 30.00 -18.85
CA GLN D 103 -25.40 28.89 -19.66
C GLN D 103 -24.10 29.25 -20.38
N ALA D 104 -23.97 30.55 -20.68
CA ALA D 104 -22.73 31.13 -21.15
C ALA D 104 -21.57 30.60 -20.33
N ALA D 105 -20.63 29.94 -21.02
CA ALA D 105 -19.43 29.40 -20.39
C ALA D 105 -18.16 29.84 -21.11
N ASN D 106 -17.07 29.74 -20.39
CA ASN D 106 -15.73 30.11 -20.84
C ASN D 106 -14.83 28.86 -20.87
N TYR D 107 -14.75 28.21 -22.04
CA TYR D 107 -14.02 26.95 -22.22
C TYR D 107 -12.58 27.14 -22.71
N ARG D 108 -12.15 28.38 -22.93
CA ARG D 108 -10.76 28.62 -23.34
C ARG D 108 -9.81 28.41 -22.15
N ALA D 109 -8.74 27.66 -22.40
CA ALA D 109 -7.83 27.19 -21.38
C ALA D 109 -6.61 28.10 -21.21
N ALA D 110 -6.15 28.22 -19.97
CA ALA D 110 -4.77 28.54 -19.71
C ALA D 110 -4.13 27.17 -19.59
N PRO D 111 -3.54 26.64 -20.69
CA PRO D 111 -3.18 25.24 -20.64
C PRO D 111 -2.06 24.95 -19.63
N LEU D 112 -2.22 23.87 -18.87
CA LEU D 112 -1.21 23.44 -17.92
C LEU D 112 -0.20 22.54 -18.62
N CYS D 113 1.10 22.75 -18.37
CA CYS D 113 2.15 21.85 -18.85
C CYS D 113 3.53 22.12 -18.22
N ASN D 114 4.53 21.38 -18.71
CA ASN D 114 5.97 21.67 -18.50
C ASN D 114 6.82 21.53 -19.79
N GLY D 115 6.26 21.00 -20.88
CA GLY D 115 7.03 20.56 -22.05
C GLY D 115 6.85 21.40 -23.30
N ASP D 116 5.61 21.47 -23.81
CA ASP D 116 5.28 22.25 -25.03
C ASP D 116 3.78 22.33 -25.39
N PRO D 117 3.29 23.56 -25.71
CA PRO D 117 2.09 23.75 -26.52
C PRO D 117 2.43 23.88 -28.01
N GLU D 130 -4.07 36.53 -27.11
CA GLU D 130 -3.13 36.67 -25.99
C GLU D 130 -2.81 35.30 -25.41
N LYS D 131 -1.54 34.90 -25.45
CA LYS D 131 -1.14 33.54 -25.09
C LYS D 131 -0.73 33.46 -23.63
N VAL D 132 -1.33 32.52 -22.90
CA VAL D 132 -1.11 32.35 -21.46
C VAL D 132 -1.18 30.86 -21.09
N ALA D 133 -0.35 30.46 -20.13
CA ALA D 133 -0.26 29.06 -19.73
C ALA D 133 -0.04 28.94 -18.23
N LYS D 134 -0.12 27.70 -17.75
CA LYS D 134 -0.03 27.39 -16.34
C LYS D 134 1.09 26.38 -16.06
N VAL D 135 1.99 26.74 -15.15
CA VAL D 135 3.07 25.84 -14.72
C VAL D 135 3.00 25.68 -13.21
N LYS D 136 3.07 24.43 -12.78
CA LYS D 136 3.07 24.08 -11.36
C LYS D 136 4.50 24.03 -10.85
N VAL D 137 4.74 24.74 -9.75
CA VAL D 137 6.07 24.83 -9.17
C VAL D 137 6.04 24.45 -7.68
N GLY D 138 7.22 24.23 -7.13
CA GLY D 138 7.39 23.91 -5.72
C GLY D 138 6.91 22.52 -5.35
N LEU D 139 7.19 21.54 -6.21
CA LEU D 139 6.79 20.16 -5.94
C LEU D 139 8.04 19.34 -5.66
N TYR D 140 8.65 18.89 -6.74
CA TYR D 140 10.08 18.78 -6.85
C TYR D 140 10.68 20.19 -6.77
N GLU D 141 11.89 20.33 -7.28
CA GLU D 141 12.86 21.17 -6.60
C GLU D 141 13.39 22.35 -7.43
N ALA D 142 13.58 23.47 -6.73
CA ALA D 142 13.24 24.80 -7.27
C ALA D 142 14.12 25.30 -8.41
N VAL D 143 15.40 24.94 -8.39
CA VAL D 143 16.30 25.30 -9.50
C VAL D 143 15.74 24.84 -10.85
N ARG D 144 15.10 23.67 -10.86
CA ARG D 144 14.54 23.11 -12.09
C ARG D 144 13.22 23.77 -12.48
N ASP D 145 12.41 24.13 -11.47
CA ASP D 145 11.24 24.97 -11.66
C ASP D 145 11.62 26.26 -12.39
N GLY D 146 12.73 26.85 -11.97
CA GLY D 146 13.18 28.13 -12.51
C GLY D 146 13.69 28.03 -13.92
N MET D 147 14.29 26.89 -14.25
CA MET D 147 14.89 26.67 -15.57
C MET D 147 13.85 26.41 -16.66
N VAL D 148 12.69 25.86 -16.28
CA VAL D 148 11.68 25.48 -17.26
C VAL D 148 10.67 26.61 -17.51
N VAL D 149 10.57 27.53 -16.57
CA VAL D 149 9.79 28.76 -16.76
C VAL D 149 10.54 29.69 -17.72
N ASN D 150 11.84 29.83 -17.49
CA ASN D 150 12.72 30.61 -18.37
C ASN D 150 12.68 30.04 -19.80
N LEU D 151 12.84 28.72 -19.90
CA LEU D 151 12.81 27.98 -21.16
C LEU D 151 11.50 28.10 -21.96
N LEU D 152 10.37 28.17 -21.25
CA LEU D 152 9.07 28.42 -21.88
C LEU D 152 8.98 29.88 -22.35
N LEU D 153 9.28 30.80 -21.45
CA LEU D 153 9.25 32.24 -21.74
C LEU D 153 10.23 32.61 -22.87
N GLU D 154 11.36 31.91 -22.91
CA GLU D 154 12.34 32.08 -23.97
C GLU D 154 11.78 31.70 -25.33
N ALA D 155 11.22 30.50 -25.42
CA ALA D 155 10.79 29.92 -26.69
C ALA D 155 9.50 30.53 -27.22
N ILE D 156 8.77 31.26 -26.38
CA ILE D 156 7.46 31.79 -26.71
C ILE D 156 7.35 33.27 -26.29
N PRO D 157 7.86 34.20 -27.10
CA PRO D 157 7.88 35.63 -26.78
C PRO D 157 6.55 36.22 -26.29
N ASP D 158 5.46 35.83 -26.95
CA ASP D 158 4.12 36.35 -26.63
C ASP D 158 3.46 35.74 -25.37
N LEU D 159 4.05 34.67 -24.83
CA LEU D 159 3.45 33.93 -23.70
C LEU D 159 3.57 34.63 -22.36
N HIS D 160 2.49 34.61 -21.59
CA HIS D 160 2.48 35.05 -20.20
C HIS D 160 2.11 33.85 -19.30
N LEU D 161 2.90 33.61 -18.26
CA LEU D 161 2.78 32.39 -17.46
C LEU D 161 2.12 32.62 -16.10
N ARG D 162 1.18 31.75 -15.74
CA ARG D 162 0.63 31.70 -14.38
C ARG D 162 1.31 30.60 -13.59
N LEU D 163 1.92 30.95 -12.46
CA LEU D 163 2.69 29.98 -11.69
C LEU D 163 1.97 29.65 -10.40
N ASP D 164 2.17 28.42 -9.93
CA ASP D 164 1.38 27.89 -8.82
C ASP D 164 2.29 27.13 -7.85
N ALA D 165 2.55 27.72 -6.68
CA ALA D 165 3.55 27.17 -5.74
C ALA D 165 2.98 26.48 -4.48
N ASN D 166 1.71 26.75 -4.16
CA ASN D 166 1.05 26.18 -2.98
C ASN D 166 1.86 26.33 -1.68
N ARG D 167 2.47 27.50 -1.48
CA ARG D 167 3.27 27.79 -0.28
C ARG D 167 4.39 26.75 -0.06
N ALA D 168 5.00 26.32 -1.15
CA ALA D 168 5.99 25.25 -1.11
C ALA D 168 7.34 25.66 -0.49
N TRP D 169 7.72 26.94 -0.61
CA TRP D 169 9.12 27.33 -0.37
C TRP D 169 9.40 28.23 0.82
N THR D 170 10.64 28.12 1.29
CA THR D 170 11.30 29.13 2.11
C THR D 170 11.81 30.25 1.17
N PRO D 171 12.29 31.37 1.75
CA PRO D 171 13.07 32.35 0.99
C PRO D 171 14.16 31.77 0.07
N LEU D 172 15.01 30.90 0.61
CA LEU D 172 16.10 30.31 -0.17
C LEU D 172 15.59 29.71 -1.46
N LYS D 173 14.65 28.77 -1.32
CA LYS D 173 14.05 28.10 -2.47
C LYS D 173 13.26 29.11 -3.35
N GLY D 174 12.69 30.12 -2.71
CA GLY D 174 12.14 31.25 -3.45
C GLY D 174 13.16 31.86 -4.41
N GLN D 175 14.28 32.31 -3.87
CA GLN D 175 15.30 33.01 -4.69
C GLN D 175 16.15 32.06 -5.52
N GLN D 176 16.06 30.77 -5.26
CA GLN D 176 16.66 29.76 -6.13
C GLN D 176 15.81 29.53 -7.37
N PHE D 177 14.49 29.52 -7.20
CA PHE D 177 13.58 29.59 -8.36
C PHE D 177 13.95 30.80 -9.21
N ALA D 178 14.01 31.96 -8.57
CA ALA D 178 14.31 33.22 -9.24
C ALA D 178 15.66 33.21 -9.97
N LYS D 179 16.66 32.60 -9.35
CA LYS D 179 18.01 32.62 -9.87
C LYS D 179 18.08 32.26 -11.35
N TYR D 180 17.26 31.31 -11.78
CA TYR D 180 17.31 30.80 -13.16
C TYR D 180 16.19 31.31 -14.08
N VAL D 181 15.59 32.43 -13.70
CA VAL D 181 14.60 33.13 -14.52
C VAL D 181 15.23 34.42 -15.07
N ASN D 182 15.06 34.64 -16.36
CA ASN D 182 15.58 35.83 -17.04
C ASN D 182 14.73 37.04 -16.66
N PRO D 183 15.34 38.06 -16.01
CA PRO D 183 14.61 39.27 -15.58
C PRO D 183 13.68 39.92 -16.63
N ASP D 184 14.09 39.90 -17.90
CA ASP D 184 13.25 40.42 -18.99
C ASP D 184 11.99 39.58 -19.22
N TYR D 185 12.15 38.26 -19.10
CA TYR D 185 11.03 37.32 -19.21
C TYR D 185 10.14 37.39 -17.96
N ARG D 186 10.66 38.01 -16.91
CA ARG D 186 10.07 37.95 -15.58
C ARG D 186 8.65 38.52 -15.48
N ASP D 187 8.43 39.74 -15.95
CA ASP D 187 7.12 40.38 -15.78
C ASP D 187 6.04 39.85 -16.75
N ARG D 188 6.42 38.90 -17.61
CA ARG D 188 5.47 38.05 -18.32
C ARG D 188 5.01 36.85 -17.44
N ILE D 189 5.49 36.77 -16.19
CA ILE D 189 4.86 35.91 -15.20
C ILE D 189 3.57 36.57 -14.70
N ALA D 190 2.44 36.11 -15.26
CA ALA D 190 1.10 36.53 -14.85
C ALA D 190 1.01 36.73 -13.33
N PHE D 191 1.33 35.66 -12.60
CA PHE D 191 1.51 35.70 -11.15
C PHE D 191 2.18 34.42 -10.71
N LEU D 192 2.90 34.49 -9.60
CA LEU D 192 3.30 33.27 -8.90
C LEU D 192 2.42 33.21 -7.67
N ALA D 193 1.52 32.22 -7.65
CA ALA D 193 0.56 32.07 -6.56
C ALA D 193 1.23 31.43 -5.35
N GLU D 194 1.19 32.12 -4.21
CA GLU D 194 1.64 31.60 -2.92
C GLU D 194 3.01 30.97 -3.01
N PRO D 195 4.03 31.75 -3.39
CA PRO D 195 5.35 31.15 -3.60
C PRO D 195 5.94 30.55 -2.33
N CYS D 196 5.75 31.24 -1.22
CA CYS D 196 6.43 30.90 0.02
C CYS D 196 5.50 30.42 1.11
N LYS D 197 6.09 29.66 2.03
CA LYS D 197 5.39 29.10 3.20
C LYS D 197 4.59 30.13 4.04
N THR D 198 4.97 31.41 3.96
CA THR D 198 4.23 32.45 4.68
C THR D 198 3.94 33.68 3.81
N ARG D 199 2.88 34.42 4.16
CA ARG D 199 2.47 35.60 3.39
C ARG D 199 3.55 36.69 3.38
N ASP D 200 4.06 37.02 4.57
CA ASP D 200 5.17 37.98 4.69
C ASP D 200 6.41 37.54 3.91
N ASP D 201 6.72 36.25 3.93
CA ASP D 201 7.80 35.71 3.10
C ASP D 201 7.50 35.91 1.61
N SER D 202 6.26 35.68 1.21
CA SER D 202 5.86 35.81 -0.19
C SER D 202 5.96 37.23 -0.73
N ARG D 203 5.64 38.19 0.13
CA ARG D 203 5.70 39.62 -0.21
C ARG D 203 7.14 40.13 -0.34
N ALA D 204 8.05 39.57 0.47
CA ALA D 204 9.49 39.81 0.34
C ALA D 204 10.03 39.21 -0.96
N PHE D 205 9.42 38.11 -1.39
CA PHE D 205 9.77 37.47 -2.65
C PHE D 205 9.42 38.37 -3.84
N ALA D 206 8.20 38.91 -3.84
CA ALA D 206 7.77 39.87 -4.86
C ALA D 206 8.68 41.08 -4.94
N ARG D 207 9.14 41.56 -3.78
CA ARG D 207 10.05 42.71 -3.72
C ARG D 207 11.41 42.38 -4.33
N GLU D 208 12.09 41.39 -3.75
CA GLU D 208 13.47 41.11 -4.11
C GLU D 208 13.64 40.49 -5.51
N THR D 209 12.63 39.77 -5.98
CA THR D 209 12.64 39.20 -7.33
C THR D 209 11.98 40.12 -8.35
N GLY D 210 10.97 40.88 -7.92
CA GLY D 210 10.14 41.67 -8.84
C GLY D 210 9.13 40.83 -9.62
N ILE D 211 8.87 39.61 -9.14
CA ILE D 211 7.90 38.68 -9.72
C ILE D 211 6.54 38.90 -9.06
N ALA D 212 5.51 39.07 -9.89
CA ALA D 212 4.16 39.37 -9.40
C ALA D 212 3.61 38.14 -8.71
N ILE D 213 3.06 38.32 -7.51
CA ILE D 213 2.43 37.19 -6.79
C ILE D 213 0.91 37.29 -6.73
N ALA D 214 0.30 36.17 -6.39
CA ALA D 214 -1.14 36.12 -6.15
C ALA D 214 -1.44 35.34 -4.88
N TRP D 215 -2.57 35.65 -4.27
CA TRP D 215 -3.03 34.91 -3.11
C TRP D 215 -4.03 33.85 -3.55
N ASP D 216 -3.91 32.66 -2.97
CA ASP D 216 -4.80 31.55 -3.24
C ASP D 216 -5.26 30.94 -1.89
N GLU D 217 -4.36 30.20 -1.23
CA GLU D 217 -4.61 29.60 0.10
C GLU D 217 -4.98 30.64 1.17
N SER D 218 -4.44 31.84 1.02
CA SER D 218 -4.66 32.93 1.99
C SER D 218 -6.12 33.35 2.03
N LEU D 219 -6.79 33.35 0.88
CA LEU D 219 -8.21 33.74 0.78
C LEU D 219 -9.13 32.88 1.66
N ARG D 220 -8.63 31.72 2.08
CA ARG D 220 -9.45 30.79 2.85
C ARG D 220 -9.06 30.73 4.33
N GLU D 221 -8.09 31.54 4.74
CA GLU D 221 -7.73 31.65 6.16
C GLU D 221 -8.30 32.96 6.70
N PRO D 222 -9.18 32.87 7.71
CA PRO D 222 -10.11 33.95 8.07
C PRO D 222 -9.40 35.23 8.49
N ASP D 223 -10.16 36.31 8.60
CA ASP D 223 -9.61 37.67 8.71
C ASP D 223 -8.73 38.05 7.52
N PHE D 224 -8.74 37.22 6.46
CA PHE D 224 -8.10 37.61 5.23
C PHE D 224 -8.83 38.85 4.72
N ALA D 225 -8.06 39.87 4.39
CA ALA D 225 -8.60 41.17 4.04
C ALA D 225 -8.13 41.54 2.65
N PHE D 226 -9.07 41.85 1.78
CA PHE D 226 -8.73 42.43 0.49
C PHE D 226 -8.25 43.86 0.73
N VAL D 227 -6.93 44.03 0.79
CA VAL D 227 -6.32 45.33 1.03
C VAL D 227 -5.05 45.44 0.22
N ALA D 228 -5.09 46.27 -0.81
CA ALA D 228 -4.04 46.37 -1.85
C ALA D 228 -2.60 46.31 -1.32
N GLU D 229 -1.75 45.65 -2.11
CA GLU D 229 -0.36 45.38 -1.75
C GLU D 229 0.49 45.44 -3.03
N GLU D 230 1.55 46.24 -3.02
CA GLU D 230 2.49 46.26 -4.16
C GLU D 230 2.99 44.85 -4.47
N GLY D 231 3.08 44.53 -5.75
CA GLY D 231 3.58 43.22 -6.19
C GLY D 231 2.56 42.10 -6.15
N VAL D 232 1.34 42.40 -5.75
CA VAL D 232 0.26 41.42 -5.72
C VAL D 232 -0.75 41.78 -6.81
N ARG D 233 -0.84 40.94 -7.82
CA ARG D 233 -1.55 41.25 -9.09
C ARG D 233 -2.78 40.39 -9.35
N ALA D 234 -3.05 39.43 -8.48
CA ALA D 234 -4.14 38.51 -8.71
C ALA D 234 -4.49 37.70 -7.48
N VAL D 235 -5.72 37.15 -7.47
CA VAL D 235 -6.11 36.11 -6.53
C VAL D 235 -6.70 34.93 -7.31
N VAL D 236 -6.45 33.74 -6.80
CA VAL D 236 -7.04 32.52 -7.33
C VAL D 236 -8.18 32.12 -6.39
N ILE D 237 -9.41 32.09 -6.93
CA ILE D 237 -10.60 31.74 -6.15
C ILE D 237 -11.08 30.35 -6.56
N LYS D 238 -10.96 29.37 -5.65
CA LYS D 238 -11.42 28.01 -5.89
C LYS D 238 -12.71 27.74 -5.12
N PRO D 239 -13.86 27.81 -5.82
CA PRO D 239 -15.17 27.73 -5.17
C PRO D 239 -15.42 26.49 -4.33
N THR D 240 -14.89 25.33 -4.74
CA THR D 240 -15.06 24.10 -3.96
C THR D 240 -14.39 24.18 -2.60
N LEU D 241 -13.32 24.97 -2.49
CA LEU D 241 -12.63 25.21 -1.21
C LEU D 241 -13.12 26.48 -0.50
N THR D 242 -13.97 27.25 -1.16
CA THR D 242 -14.40 28.59 -0.73
C THR D 242 -15.82 28.62 -0.18
N GLY D 243 -16.74 27.99 -0.92
CA GLY D 243 -18.12 27.84 -0.47
C GLY D 243 -19.11 28.39 -1.45
N SER D 244 -20.10 29.10 -0.94
CA SER D 244 -21.26 29.47 -1.73
C SER D 244 -20.90 30.33 -2.93
N LEU D 245 -21.83 30.40 -3.87
CA LEU D 245 -21.69 31.18 -5.10
C LEU D 245 -21.65 32.66 -4.74
N GLU D 246 -22.52 33.05 -3.82
CA GLU D 246 -22.64 34.45 -3.40
C GLU D 246 -21.34 34.92 -2.72
N LYS D 247 -20.70 34.03 -1.97
CA LYS D 247 -19.39 34.31 -1.37
C LYS D 247 -18.29 34.43 -2.45
N VAL D 248 -18.32 33.53 -3.43
CA VAL D 248 -17.43 33.62 -4.59
C VAL D 248 -17.60 34.98 -5.28
N ARG D 249 -18.85 35.38 -5.48
CA ARG D 249 -19.22 36.67 -6.11
C ARG D 249 -18.62 37.84 -5.33
N GLU D 250 -18.83 37.84 -4.01
CA GLU D 250 -18.22 38.81 -3.10
C GLU D 250 -16.70 38.90 -3.30
N GLN D 251 -16.02 37.77 -3.13
CA GLN D 251 -14.54 37.73 -3.27
C GLN D 251 -14.06 38.32 -4.60
N VAL D 252 -14.65 37.88 -5.71
CA VAL D 252 -14.38 38.46 -7.05
C VAL D 252 -14.51 39.98 -7.01
N GLN D 253 -15.72 40.48 -6.80
CA GLN D 253 -15.98 41.93 -6.69
C GLN D 253 -14.94 42.69 -5.86
N ALA D 254 -14.47 42.06 -4.78
CA ALA D 254 -13.46 42.67 -3.92
C ALA D 254 -12.11 42.76 -4.64
N ALA D 255 -11.72 41.67 -5.31
CA ALA D 255 -10.45 41.64 -6.04
C ALA D 255 -10.45 42.67 -7.18
N HIS D 256 -11.51 42.67 -7.98
CA HIS D 256 -11.66 43.61 -9.11
C HIS D 256 -11.65 45.06 -8.66
N ALA D 257 -12.32 45.33 -7.53
CA ALA D 257 -12.37 46.65 -6.94
C ALA D 257 -10.98 47.17 -6.58
N LEU D 258 -10.08 46.24 -6.25
CA LEU D 258 -8.66 46.56 -6.02
C LEU D 258 -7.79 46.51 -7.31
N GLY D 259 -8.43 46.32 -8.46
CA GLY D 259 -7.72 46.19 -9.73
C GLY D 259 -6.95 44.89 -9.87
N LEU D 260 -7.25 43.91 -9.02
CA LEU D 260 -6.61 42.60 -9.06
C LEU D 260 -7.36 41.67 -9.98
N THR D 261 -6.61 40.86 -10.72
CA THR D 261 -7.18 39.76 -11.51
C THR D 261 -7.73 38.67 -10.58
N ALA D 262 -9.02 38.35 -10.72
CA ALA D 262 -9.63 37.21 -10.03
C ALA D 262 -9.73 36.00 -10.96
N VAL D 263 -8.98 34.94 -10.67
CA VAL D 263 -9.01 33.70 -11.49
C VAL D 263 -9.80 32.57 -10.81
N ILE D 264 -10.91 32.19 -11.44
CA ILE D 264 -11.75 31.09 -10.96
C ILE D 264 -11.12 29.76 -11.42
N SER D 265 -10.81 28.87 -10.46
CA SER D 265 -9.87 27.74 -10.71
C SER D 265 -10.33 26.35 -10.24
N SER D 266 -9.81 25.30 -10.88
CA SER D 266 -10.20 23.92 -10.54
C SER D 266 -9.71 23.53 -9.17
N SER D 267 -10.48 22.66 -8.49
CA SER D 267 -10.01 21.89 -7.34
C SER D 267 -10.04 20.41 -7.65
N ILE D 268 -9.74 20.08 -8.91
CA ILE D 268 -9.82 18.72 -9.45
C ILE D 268 -11.24 18.14 -9.44
N GLU D 269 -12.23 18.95 -9.81
CA GLU D 269 -13.61 18.46 -9.98
C GLU D 269 -13.76 17.57 -11.21
N SER D 270 -14.85 16.82 -11.25
CA SER D 270 -15.23 16.08 -12.46
C SER D 270 -15.67 17.08 -13.53
N SER D 271 -16.02 16.56 -14.70
CA SER D 271 -16.44 17.40 -15.81
C SER D 271 -17.66 18.24 -15.47
N LEU D 272 -18.55 17.64 -14.68
CA LEU D 272 -19.81 18.28 -14.30
C LEU D 272 -19.49 19.61 -13.64
N GLY D 273 -18.70 19.55 -12.57
CA GLY D 273 -18.33 20.75 -11.81
C GLY D 273 -17.36 21.66 -12.54
N LEU D 274 -16.51 21.08 -13.40
CA LEU D 274 -15.61 21.87 -14.24
C LEU D 274 -16.44 22.76 -15.20
N THR D 275 -17.48 22.18 -15.81
CA THR D 275 -18.32 22.92 -16.75
C THR D 275 -19.09 24.04 -16.05
N GLN D 276 -19.49 23.82 -14.81
CA GLN D 276 -20.18 24.87 -14.05
C GLN D 276 -19.21 25.99 -13.65
N LEU D 277 -17.97 25.60 -13.38
CA LEU D 277 -16.92 26.55 -13.03
C LEU D 277 -16.62 27.46 -14.23
N ALA D 278 -16.69 26.88 -15.44
CA ALA D 278 -16.47 27.61 -16.68
C ALA D 278 -17.59 28.62 -16.93
N ARG D 279 -18.78 28.27 -16.46
CA ARG D 279 -19.94 29.13 -16.54
C ARG D 279 -19.91 30.18 -15.44
N ILE D 280 -19.36 29.81 -14.28
CA ILE D 280 -19.19 30.74 -13.17
C ILE D 280 -18.16 31.80 -13.52
N ALA D 281 -17.06 31.36 -14.13
CA ALA D 281 -16.04 32.25 -14.72
C ALA D 281 -16.61 33.19 -15.81
N ALA D 282 -17.35 32.65 -16.79
CA ALA D 282 -17.99 33.47 -17.81
C ALA D 282 -19.03 34.43 -17.21
N TRP D 283 -19.52 34.13 -16.02
CA TRP D 283 -20.46 35.00 -15.32
C TRP D 283 -19.79 36.15 -14.53
N LEU D 284 -18.85 35.80 -13.66
CA LEU D 284 -18.24 36.75 -12.71
C LEU D 284 -16.91 37.29 -13.17
N THR D 285 -16.22 36.55 -14.04
CA THR D 285 -14.95 36.98 -14.62
C THR D 285 -14.91 36.73 -16.13
N PRO D 286 -15.87 37.31 -16.89
CA PRO D 286 -15.95 37.14 -18.36
C PRO D 286 -14.67 37.49 -19.12
N ASP D 287 -13.74 38.10 -18.39
CA ASP D 287 -12.53 38.74 -18.89
C ASP D 287 -11.33 37.81 -18.76
N THR D 288 -11.39 36.98 -17.72
CA THR D 288 -10.27 36.26 -17.20
C THR D 288 -10.51 34.77 -17.45
N ILE D 289 -9.59 34.18 -18.21
CA ILE D 289 -9.64 32.77 -18.59
C ILE D 289 -9.41 31.84 -17.40
N PRO D 290 -10.42 31.04 -17.04
CA PRO D 290 -10.34 30.33 -15.77
C PRO D 290 -9.27 29.23 -15.75
N GLY D 291 -8.89 28.81 -14.54
CA GLY D 291 -7.87 27.78 -14.35
C GLY D 291 -8.45 26.39 -14.20
N LEU D 292 -8.98 25.86 -15.29
CA LEU D 292 -9.77 24.64 -15.26
C LEU D 292 -9.20 23.53 -16.14
N ASP D 293 -7.92 23.57 -16.48
CA ASP D 293 -7.34 22.49 -17.33
C ASP D 293 -6.81 21.33 -16.47
N THR D 294 -7.68 20.85 -15.60
CA THR D 294 -7.38 19.71 -14.72
C THR D 294 -8.09 18.41 -15.17
N LEU D 295 -8.79 18.47 -16.29
CA LEU D 295 -9.66 17.36 -16.73
C LEU D 295 -8.87 16.15 -17.20
N ASP D 296 -7.88 16.36 -18.07
CA ASP D 296 -7.08 15.28 -18.66
C ASP D 296 -6.20 14.52 -17.66
N LEU D 297 -6.18 15.00 -16.41
CA LEU D 297 -5.66 14.24 -15.27
C LEU D 297 -6.54 13.02 -14.97
N MET D 298 -7.75 13.02 -15.53
CA MET D 298 -8.79 12.05 -15.20
C MET D 298 -9.15 11.17 -16.37
N GLN D 299 -9.75 10.01 -16.07
CA GLN D 299 -9.99 8.96 -17.05
C GLN D 299 -11.42 8.90 -17.57
N ALA D 300 -12.32 9.64 -16.93
CA ALA D 300 -13.71 9.72 -17.38
C ALA D 300 -14.34 11.07 -17.09
N GLN D 301 -15.14 11.54 -18.05
CA GLN D 301 -16.09 12.62 -17.84
C GLN D 301 -17.31 11.99 -17.18
N GLN D 302 -18.15 12.82 -16.58
CA GLN D 302 -19.30 12.32 -15.83
C GLN D 302 -20.48 13.28 -15.94
N VAL D 303 -21.64 12.76 -16.32
CA VAL D 303 -22.93 13.52 -16.39
C VAL D 303 -22.97 14.65 -17.46
N ARG D 304 -22.12 15.66 -17.31
CA ARG D 304 -21.97 16.72 -18.33
C ARG D 304 -20.58 16.70 -18.94
N ARG D 305 -20.51 16.93 -20.24
CA ARG D 305 -19.26 16.84 -21.00
C ARG D 305 -18.57 18.19 -21.13
N TRP D 306 -17.24 18.16 -21.07
CA TRP D 306 -16.42 19.27 -21.51
C TRP D 306 -16.29 19.19 -23.05
N PRO D 307 -16.58 20.29 -23.76
CA PRO D 307 -16.51 20.27 -25.22
C PRO D 307 -15.07 20.27 -25.68
N GLY D 308 -14.74 19.38 -26.61
CA GLY D 308 -13.36 19.23 -27.09
C GLY D 308 -12.67 18.00 -26.52
N SER D 309 -13.09 17.58 -25.33
CA SER D 309 -12.58 16.34 -24.70
C SER D 309 -13.00 15.11 -25.50
N THR D 310 -12.07 14.17 -25.66
CA THR D 310 -12.40 12.86 -26.26
C THR D 310 -12.46 11.73 -25.21
N LEU D 311 -12.42 12.10 -23.93
CA LEU D 311 -12.52 11.13 -22.83
C LEU D 311 -13.90 10.47 -22.76
N PRO D 312 -13.96 9.22 -22.26
CA PRO D 312 -15.23 8.52 -22.11
C PRO D 312 -16.11 9.11 -21.00
N VAL D 313 -17.43 9.02 -21.19
CA VAL D 313 -18.40 9.70 -20.34
C VAL D 313 -19.25 8.70 -19.57
N VAL D 314 -19.24 8.79 -18.24
CA VAL D 314 -20.14 7.99 -17.42
C VAL D 314 -21.45 8.75 -17.29
N GLU D 315 -22.56 8.05 -17.54
CA GLU D 315 -23.88 8.66 -17.53
C GLU D 315 -24.56 8.49 -16.16
N VAL D 316 -25.54 9.34 -15.88
CA VAL D 316 -26.27 9.31 -14.60
C VAL D 316 -26.63 7.87 -14.19
N ASP D 317 -26.98 7.06 -15.18
CA ASP D 317 -27.49 5.70 -14.96
C ASP D 317 -26.50 4.72 -14.33
N ALA D 318 -25.20 4.96 -14.55
CA ALA D 318 -24.15 4.11 -13.97
C ALA D 318 -23.70 4.57 -12.59
N LEU D 319 -24.19 5.74 -12.15
CA LEU D 319 -23.77 6.32 -10.88
C LEU D 319 -24.47 5.68 -9.67
N GLU D 320 -23.70 5.32 -8.64
CA GLU D 320 -24.27 4.88 -7.37
C GLU D 320 -25.10 5.98 -6.72
N ARG D 321 -26.30 5.62 -6.29
CA ARG D 321 -27.22 6.59 -5.67
C ARG D 321 -27.31 6.40 -4.16
N LEU D 322 -27.65 7.47 -3.47
CA LEU D 322 -27.80 7.46 -2.00
C LEU D 322 -29.19 7.94 -1.59
N LEU D 323 -29.60 9.08 -2.12
CA LEU D 323 -30.93 9.62 -1.89
C LEU D 323 -31.70 9.55 -3.21
#